data_8DE3
#
_entry.id   8DE3
#
_cell.length_a   1.00
_cell.length_b   1.00
_cell.length_c   1.00
_cell.angle_alpha   90.00
_cell.angle_beta   90.00
_cell.angle_gamma   90.00
#
_symmetry.space_group_name_H-M   'P 1'
#
loop_
_entity.id
_entity.type
_entity.pdbx_description
1 polymer Transporter
2 polymer '15B8 Fab heavy chain variable domain'
3 polymer '15B8 Fab light chain variable domain'
4 branched 2-acetamido-2-deoxy-beta-D-glucopyranose-(1-4)-2-acetamido-2-deoxy-beta-D-glucopyranose
5 non-polymer 'CHLORIDE ION'
6 non-polymer 'SODIUM ION'
7 non-polymer COCAINE
8 non-polymer 'CHOLESTEROL HEMISUCCINATE'
9 non-polymer DODECYL-BETA-D-MALTOSIDE
#
loop_
_entity_poly.entity_id
_entity_poly.type
_entity_poly.pdbx_seq_one_letter_code
_entity_poly.pdbx_strand_id
1 'polypeptide(L)'
;RETWGKKVDFLLSVIGYAVDLGNVWRFPYICYQNGGGAFLLPYTIMAIFGGIPLFYMELALGQYHRNGCISIWRKICPIF
KGIGFAICVIAFYIASYYNTIMAWALYYLISSFTDQLPWTSCKNSWNTGNCTNYFSEDNVTWMLHSTSPAEEFYTRHVLQ
IHRSKGLQDLGGISWQLALCIMLIFTIIYFSIWKGVKTSGKVVWVTATFPYIILSILLVRGATLPGAWRGVLFYLKPNWQ
KLLETGVWVDAAAQIFFSLGPGFGVLLAFASYNKFNNNCYQDALVTSVVNCMTSFVSGFVIFTVLGYMAEMRNEDVSEVA
KDAGPSLLFITYAEAIANMPASTFFAIIFFLMLITLGLDSTFAGLEGVITAVLDEFPHFWSKRREWLALGVVITCFLGSL
ITLTFGGAYVVKLLEEFATGPAVLTVALIEAVAVFWFYGITQFCSDVKEMLGFSPGWFWRICWVAISPLFLVFIICSFLM
SPPQLWLFQYNYPQWSIILGYCIGTSSFICIPTYITYRLIITPGTLKERIVKGITPETP
;
A
2 'polypeptide(L)'
;QVQLQQSGPELVKLGASVRISCKASGYRFSYSWMNWVKQRPGKGLEWIGRIYPGDGDTKYSGKFKGKATLTADKSSSTVY
MQLSSLTSEDSAVYFCARSAYGSEGFAMDYWGQGTSVT
;
B
3 'polypeptide(L)'
;DIVLTQSPASLAVSLGQRATISCRASESVDNYGISFLNWFQQKPGQPPKLLIYAASNQGSGVPARFSGSGSGTYFSLNIH
PMEEDDTAVYFCQQTKGVSWTFGGGTKVEI
;
C
#
# COMPACT_ATOMS: atom_id res chain seq x y z
N ARG A 1 -23.83 27.89 19.63
CA ARG A 1 -22.45 27.82 19.19
C ARG A 1 -21.56 27.22 20.27
N GLU A 2 -20.70 26.27 19.86
CA GLU A 2 -19.78 25.61 20.77
C GLU A 2 -18.36 25.97 20.41
N THR A 3 -17.52 26.15 21.43
CA THR A 3 -16.13 26.50 21.25
C THR A 3 -15.24 25.27 21.29
N TRP A 4 -13.95 25.47 21.00
CA TRP A 4 -12.99 24.38 21.04
C TRP A 4 -12.77 23.86 22.46
N GLY A 5 -13.12 24.64 23.47
CA GLY A 5 -12.87 24.25 24.84
C GLY A 5 -11.50 24.71 25.32
N LYS A 6 -10.53 23.81 25.29
CA LYS A 6 -9.16 24.14 25.64
C LYS A 6 -8.41 24.64 24.41
N LYS A 7 -7.53 25.62 24.61
CA LYS A 7 -6.73 26.15 23.50
C LYS A 7 -5.80 25.08 22.94
N VAL A 8 -5.24 24.24 23.81
CA VAL A 8 -4.32 23.19 23.37
C VAL A 8 -5.03 22.19 22.46
N ASP A 9 -6.36 22.03 22.62
CA ASP A 9 -7.09 21.10 21.79
C ASP A 9 -7.03 21.50 20.32
N PHE A 10 -7.34 22.77 20.03
CA PHE A 10 -7.30 23.23 18.64
C PHE A 10 -5.89 23.17 18.08
N LEU A 11 -4.90 23.54 18.87
CA LEU A 11 -3.51 23.50 18.40
C LEU A 11 -3.11 22.07 18.04
N LEU A 12 -3.42 21.12 18.92
CA LEU A 12 -3.07 19.73 18.64
C LEU A 12 -3.83 19.18 17.44
N SER A 13 -5.12 19.54 17.31
CA SER A 13 -5.90 19.06 16.17
C SER A 13 -5.35 19.60 14.86
N VAL A 14 -5.04 20.89 14.81
CA VAL A 14 -4.52 21.47 13.57
C VAL A 14 -3.10 20.97 13.29
N ILE A 15 -2.33 20.67 14.34
CA ILE A 15 -1.00 20.09 14.14
C ILE A 15 -1.13 18.69 13.54
N GLY A 16 -2.05 17.89 14.06
CA GLY A 16 -2.29 16.58 13.48
C GLY A 16 -2.81 16.66 12.05
N TYR A 17 -3.61 17.68 11.75
CA TYR A 17 -4.03 17.91 10.37
C TYR A 17 -2.83 18.25 9.49
N ALA A 18 -1.90 19.06 10.00
CA ALA A 18 -0.75 19.46 9.20
C ALA A 18 0.13 18.27 8.84
N VAL A 19 0.39 17.38 9.80
CA VAL A 19 1.16 16.19 9.52
C VAL A 19 0.32 15.20 8.74
N ASP A 20 0.91 14.59 7.71
CA ASP A 20 0.17 13.73 6.79
C ASP A 20 1.00 12.50 6.45
N LEU A 21 0.30 11.45 6.03
CA LEU A 21 0.97 10.25 5.56
C LEU A 21 1.81 10.56 4.32
N GLY A 22 1.31 11.43 3.45
CA GLY A 22 2.04 11.81 2.26
C GLY A 22 3.17 12.80 2.49
N ASN A 23 3.31 13.31 3.70
CA ASN A 23 4.39 14.23 4.04
C ASN A 23 5.66 13.52 4.46
N VAL A 24 5.67 12.19 4.48
CA VAL A 24 6.85 11.44 4.89
C VAL A 24 7.62 10.85 3.72
N TRP A 25 7.02 10.74 2.55
CA TRP A 25 7.71 10.24 1.37
C TRP A 25 7.76 11.23 0.21
N ARG A 26 6.74 12.07 0.04
CA ARG A 26 6.75 13.03 -1.06
C ARG A 26 7.80 14.11 -0.83
N PHE A 27 7.94 14.59 0.40
CA PHE A 27 8.92 15.63 0.68
C PHE A 27 10.36 15.15 0.46
N PRO A 28 10.80 14.00 0.99
CA PRO A 28 12.17 13.56 0.66
C PRO A 28 12.38 13.30 -0.82
N TYR A 29 11.38 12.76 -1.52
CA TYR A 29 11.52 12.50 -2.94
C TYR A 29 11.67 13.80 -3.73
N ILE A 30 10.87 14.82 -3.38
CA ILE A 30 10.96 16.08 -4.09
C ILE A 30 12.20 16.87 -3.71
N CYS A 31 12.74 16.65 -2.50
CA CYS A 31 13.99 17.32 -2.15
C CYS A 31 15.19 16.65 -2.82
N TYR A 32 15.15 15.33 -2.99
CA TYR A 32 16.23 14.64 -3.68
C TYR A 32 16.18 14.92 -5.19
N GLN A 33 14.99 14.85 -5.79
CA GLN A 33 14.87 15.03 -7.23
C GLN A 33 15.25 16.46 -7.64
N ASN A 34 14.79 17.45 -6.89
CA ASN A 34 15.04 18.85 -7.19
C ASN A 34 15.73 19.52 -6.01
N GLY A 35 16.85 20.18 -6.28
CA GLY A 35 17.57 20.91 -5.25
C GLY A 35 18.65 20.10 -4.55
N GLY A 36 18.26 19.02 -3.90
CA GLY A 36 19.21 18.20 -3.17
C GLY A 36 19.33 18.67 -1.73
N GLY A 37 20.57 18.79 -1.25
CA GLY A 37 20.79 19.30 0.09
C GLY A 37 20.56 20.79 0.23
N ALA A 38 20.61 21.53 -0.88
CA ALA A 38 20.34 22.96 -0.89
C ALA A 38 18.87 23.27 -1.12
N PHE A 39 18.01 22.24 -1.17
CA PHE A 39 16.59 22.44 -1.41
C PHE A 39 15.92 23.20 -0.26
N LEU A 40 16.55 23.24 0.92
CA LEU A 40 15.93 23.89 2.07
C LEU A 40 15.74 25.39 1.85
N LEU A 41 16.73 26.05 1.25
CA LEU A 41 16.64 27.50 1.08
C LEU A 41 15.47 27.91 0.18
N PRO A 42 15.30 27.37 -1.04
CA PRO A 42 14.08 27.70 -1.80
C PRO A 42 12.82 27.24 -1.09
N TYR A 43 12.86 26.10 -0.39
CA TYR A 43 11.70 25.63 0.36
C TYR A 43 11.30 26.64 1.43
N THR A 44 12.29 27.11 2.21
CA THR A 44 12.00 28.08 3.26
C THR A 44 11.53 29.40 2.68
N ILE A 45 12.14 29.84 1.57
CA ILE A 45 11.74 31.11 0.95
C ILE A 45 10.30 31.03 0.47
N MET A 46 9.95 29.95 -0.24
CA MET A 46 8.58 29.78 -0.72
C MET A 46 7.60 29.66 0.44
N ALA A 47 7.98 28.94 1.50
CA ALA A 47 7.15 28.85 2.69
C ALA A 47 6.84 30.25 3.23
N ILE A 48 7.88 30.99 3.59
CA ILE A 48 7.69 32.31 4.20
C ILE A 48 6.89 33.22 3.28
N PHE A 49 7.15 33.14 1.97
CA PHE A 49 6.51 34.06 1.04
C PHE A 49 5.04 33.73 0.79
N GLY A 50 4.66 32.45 0.77
CA GLY A 50 3.30 32.14 0.34
C GLY A 50 2.48 31.11 1.09
N GLY A 51 3.06 30.41 2.06
CA GLY A 51 2.30 29.38 2.75
C GLY A 51 1.82 29.82 4.12
N ILE A 52 2.72 30.44 4.89
CA ILE A 52 2.31 31.00 6.18
C ILE A 52 1.25 32.08 6.02
N PRO A 53 1.36 33.02 5.08
CA PRO A 53 0.25 34.00 4.91
C PRO A 53 -1.09 33.35 4.61
N LEU A 54 -1.11 32.29 3.79
CA LEU A 54 -2.36 31.61 3.49
C LEU A 54 -2.93 30.95 4.73
N PHE A 55 -2.06 30.31 5.53
CA PHE A 55 -2.51 29.70 6.78
C PHE A 55 -3.09 30.75 7.72
N TYR A 56 -2.42 31.90 7.85
CA TYR A 56 -2.90 32.97 8.71
C TYR A 56 -4.25 33.51 8.22
N MET A 57 -4.38 33.70 6.90
CA MET A 57 -5.64 34.20 6.36
C MET A 57 -6.78 33.22 6.59
N GLU A 58 -6.52 31.93 6.37
CA GLU A 58 -7.56 30.93 6.60
C GLU A 58 -7.96 30.86 8.07
N LEU A 59 -6.98 30.92 8.97
CA LEU A 59 -7.29 30.90 10.40
C LEU A 59 -8.11 32.12 10.81
N ALA A 60 -7.74 33.30 10.32
CA ALA A 60 -8.49 34.51 10.65
C ALA A 60 -9.91 34.44 10.08
N LEU A 61 -10.05 33.95 8.85
CA LEU A 61 -11.38 33.84 8.25
C LEU A 61 -12.25 32.87 9.04
N GLY A 62 -11.69 31.74 9.45
CA GLY A 62 -12.47 30.81 10.26
C GLY A 62 -12.83 31.38 11.62
N GLN A 63 -11.90 32.10 12.25
CA GLN A 63 -12.16 32.61 13.60
C GLN A 63 -13.14 33.77 13.59
N TYR A 64 -13.18 34.56 12.52
CA TYR A 64 -14.01 35.75 12.51
C TYR A 64 -15.50 35.40 12.48
N HIS A 65 -15.95 34.77 11.41
CA HIS A 65 -17.37 34.54 11.20
C HIS A 65 -17.90 33.32 11.93
N ARG A 66 -17.02 32.45 12.43
CA ARG A 66 -17.42 31.23 13.15
C ARG A 66 -18.38 30.39 12.32
N ASN A 67 -18.05 30.23 11.04
CA ASN A 67 -18.89 29.50 10.10
C ASN A 67 -18.06 28.41 9.43
N GLY A 68 -18.73 27.62 8.58
CA GLY A 68 -18.09 26.48 7.96
C GLY A 68 -17.23 26.84 6.77
N CYS A 69 -17.42 26.12 5.66
CA CYS A 69 -16.66 26.38 4.44
C CYS A 69 -17.53 26.84 3.28
N ILE A 70 -18.84 26.94 3.48
CA ILE A 70 -19.74 27.46 2.46
C ILE A 70 -20.40 28.76 2.91
N SER A 71 -20.76 28.86 4.20
CA SER A 71 -21.39 30.08 4.70
C SER A 71 -20.42 31.23 4.84
N ILE A 72 -19.11 30.95 4.95
CA ILE A 72 -18.13 32.02 5.02
C ILE A 72 -18.15 32.85 3.75
N TRP A 73 -18.18 32.18 2.59
CA TRP A 73 -18.27 32.90 1.32
C TRP A 73 -19.56 33.71 1.24
N ARG A 74 -20.69 33.11 1.63
CA ARG A 74 -21.94 33.85 1.66
C ARG A 74 -21.85 35.09 2.54
N LYS A 75 -21.08 35.00 3.62
CA LYS A 75 -20.88 36.15 4.49
C LYS A 75 -19.91 37.19 3.92
N ILE A 76 -19.01 36.79 3.03
CA ILE A 76 -18.02 37.71 2.47
C ILE A 76 -18.25 37.97 0.98
N CYS A 77 -18.65 36.95 0.21
CA CYS A 77 -18.82 37.09 -1.23
C CYS A 77 -19.75 36.00 -1.75
N PRO A 78 -21.06 36.24 -1.78
CA PRO A 78 -22.00 35.17 -2.16
C PRO A 78 -21.81 34.65 -3.57
N ILE A 79 -21.15 35.40 -4.45
CA ILE A 79 -20.97 34.97 -5.83
C ILE A 79 -20.02 33.79 -5.94
N PHE A 80 -19.28 33.46 -4.89
CA PHE A 80 -18.29 32.39 -4.89
C PHE A 80 -18.61 31.33 -3.84
N LYS A 81 -19.87 30.91 -3.78
CA LYS A 81 -20.30 29.93 -2.79
C LYS A 81 -20.06 28.49 -3.22
N GLY A 82 -19.59 28.25 -4.45
CA GLY A 82 -19.28 26.89 -4.87
C GLY A 82 -18.00 26.33 -4.32
N ILE A 83 -17.22 27.15 -3.61
CA ILE A 83 -15.96 26.70 -3.02
C ILE A 83 -16.22 25.62 -1.98
N GLY A 84 -17.33 25.72 -1.24
CA GLY A 84 -17.66 24.69 -0.27
C GLY A 84 -17.89 23.33 -0.91
N PHE A 85 -18.67 23.31 -2.00
CA PHE A 85 -18.90 22.06 -2.72
C PHE A 85 -17.62 21.53 -3.34
N ALA A 86 -16.77 22.42 -3.87
CA ALA A 86 -15.49 21.99 -4.40
C ALA A 86 -14.63 21.36 -3.32
N ILE A 87 -14.61 21.97 -2.14
CA ILE A 87 -13.85 21.42 -1.02
C ILE A 87 -14.40 20.06 -0.61
N CYS A 88 -15.73 19.93 -0.59
CA CYS A 88 -16.35 18.66 -0.19
C CYS A 88 -15.99 17.55 -1.17
N VAL A 89 -16.09 17.82 -2.48
CA VAL A 89 -15.78 16.78 -3.46
C VAL A 89 -14.29 16.46 -3.46
N ILE A 90 -13.44 17.46 -3.28
CA ILE A 90 -12.00 17.22 -3.18
C ILE A 90 -11.69 16.34 -1.97
N ALA A 91 -12.33 16.63 -0.83
CA ALA A 91 -12.10 15.83 0.37
C ALA A 91 -12.58 14.40 0.18
N PHE A 92 -13.72 14.22 -0.47
CA PHE A 92 -14.21 12.86 -0.73
C PHE A 92 -13.27 12.09 -1.63
N TYR A 93 -12.81 12.73 -2.72
CA TYR A 93 -11.90 12.08 -3.65
C TYR A 93 -10.59 11.71 -2.96
N ILE A 94 -10.06 12.61 -2.13
CA ILE A 94 -8.84 12.32 -1.40
C ILE A 94 -9.08 11.18 -0.41
N ALA A 95 -10.20 11.24 0.33
CA ALA A 95 -10.46 10.28 1.39
C ALA A 95 -10.66 8.87 0.86
N SER A 96 -11.14 8.73 -0.38
CA SER A 96 -11.26 7.38 -0.96
C SER A 96 -9.93 6.65 -0.94
N TYR A 97 -8.94 7.17 -1.68
CA TYR A 97 -7.63 6.52 -1.71
C TYR A 97 -6.93 6.63 -0.36
N TYR A 98 -7.26 7.64 0.44
CA TYR A 98 -6.66 7.74 1.77
C TYR A 98 -7.07 6.57 2.65
N ASN A 99 -8.36 6.25 2.67
CA ASN A 99 -8.84 5.09 3.43
C ASN A 99 -8.35 3.79 2.81
N THR A 100 -8.15 3.76 1.49
CA THR A 100 -7.54 2.59 0.87
C THR A 100 -6.13 2.37 1.41
N ILE A 101 -5.34 3.44 1.50
CA ILE A 101 -3.99 3.34 2.04
C ILE A 101 -4.03 2.98 3.52
N MET A 102 -5.02 3.50 4.25
CA MET A 102 -5.20 3.10 5.65
C MET A 102 -5.46 1.60 5.77
N ALA A 103 -6.31 1.07 4.89
CA ALA A 103 -6.57 -0.37 4.90
C ALA A 103 -5.31 -1.16 4.60
N TRP A 104 -4.51 -0.67 3.64
CA TRP A 104 -3.25 -1.34 3.32
C TRP A 104 -2.32 -1.35 4.54
N ALA A 105 -2.20 -0.20 5.21
CA ALA A 105 -1.33 -0.11 6.39
C ALA A 105 -1.84 -0.99 7.51
N LEU A 106 -3.15 -1.05 7.73
CA LEU A 106 -3.70 -1.91 8.77
C LEU A 106 -3.46 -3.38 8.45
N TYR A 107 -3.59 -3.77 7.18
CA TYR A 107 -3.27 -5.14 6.79
C TYR A 107 -1.80 -5.45 7.03
N TYR A 108 -0.92 -4.51 6.71
CA TYR A 108 0.50 -4.71 6.98
C TYR A 108 0.76 -4.87 8.47
N LEU A 109 0.12 -4.04 9.30
CA LEU A 109 0.29 -4.15 10.74
C LEU A 109 -0.21 -5.48 11.28
N ILE A 110 -1.36 -5.94 10.77
CA ILE A 110 -1.91 -7.22 11.20
C ILE A 110 -0.96 -8.36 10.80
N SER A 111 -0.43 -8.32 9.57
CA SER A 111 0.48 -9.37 9.13
C SER A 111 1.84 -9.27 9.79
N SER A 112 2.16 -8.13 10.42
CA SER A 112 3.44 -7.95 11.10
C SER A 112 3.35 -8.25 12.60
N PHE A 113 2.40 -9.06 13.01
CA PHE A 113 2.22 -9.41 14.42
C PHE A 113 2.84 -10.76 14.77
N THR A 114 3.56 -11.38 13.85
CA THR A 114 4.20 -12.68 14.07
C THR A 114 5.65 -12.48 14.48
N ASP A 115 6.22 -13.54 15.07
CA ASP A 115 7.62 -13.50 15.48
C ASP A 115 8.54 -13.33 14.27
N GLN A 116 8.24 -14.04 13.19
CA GLN A 116 9.00 -13.94 11.94
C GLN A 116 8.19 -13.10 10.95
N LEU A 117 8.79 -12.02 10.47
CA LEU A 117 8.10 -11.16 9.52
C LEU A 117 7.90 -11.89 8.20
N PRO A 118 6.70 -11.90 7.63
CA PRO A 118 6.44 -12.71 6.43
C PRO A 118 7.22 -12.27 5.21
N TRP A 119 7.71 -11.04 5.16
CA TRP A 119 8.40 -10.53 3.97
C TRP A 119 9.92 -10.54 4.11
N THR A 120 10.45 -11.23 5.13
CA THR A 120 11.90 -11.38 5.25
C THR A 120 12.44 -12.28 4.14
N SER A 121 11.79 -13.42 3.91
CA SER A 121 12.22 -14.39 2.92
C SER A 121 11.12 -14.60 1.90
N CYS A 122 11.52 -15.01 0.69
CA CYS A 122 10.60 -15.20 -0.42
C CYS A 122 10.17 -16.65 -0.58
N LYS A 123 10.15 -17.41 0.52
CA LYS A 123 9.76 -18.82 0.48
C LYS A 123 8.25 -19.01 0.53
N ASN A 124 7.48 -17.95 0.73
CA ASN A 124 6.03 -18.07 0.87
C ASN A 124 5.38 -18.23 -0.50
N SER A 125 4.04 -18.36 -0.50
CA SER A 125 3.31 -18.60 -1.74
C SER A 125 3.25 -17.35 -2.60
N TRP A 126 3.06 -16.18 -1.98
CA TRP A 126 2.92 -14.95 -2.76
C TRP A 126 4.20 -14.59 -3.48
N ASN A 127 5.36 -14.84 -2.87
CA ASN A 127 6.63 -14.67 -3.56
C ASN A 127 6.87 -15.88 -4.46
N THR A 128 7.06 -15.62 -5.76
CA THR A 128 7.12 -16.69 -6.75
C THR A 128 8.50 -16.83 -7.39
N GLY A 129 9.01 -15.76 -8.01
CA GLY A 129 10.17 -15.91 -8.86
C GLY A 129 11.45 -15.25 -8.39
N ASN A 130 11.76 -14.08 -8.93
CA ASN A 130 13.02 -13.41 -8.68
C ASN A 130 13.23 -13.19 -7.19
N CYS A 131 14.41 -13.58 -6.70
CA CYS A 131 14.73 -13.47 -5.27
C CYS A 131 16.17 -13.03 -5.05
N THR A 132 16.78 -12.37 -6.03
CA THR A 132 18.19 -11.98 -5.94
C THR A 132 18.38 -10.54 -5.47
N ASN A 133 17.31 -9.87 -5.05
CA ASN A 133 17.39 -8.53 -4.46
C ASN A 133 17.38 -8.70 -2.95
N TYR A 134 18.54 -8.99 -2.38
CA TYR A 134 18.64 -9.30 -0.95
C TYR A 134 19.65 -8.41 -0.25
N PHE A 135 19.96 -8.71 1.00
CA PHE A 135 20.89 -7.95 1.81
C PHE A 135 22.13 -8.77 2.11
N SER A 136 23.28 -8.11 2.15
CA SER A 136 24.56 -8.75 2.46
C SER A 136 24.86 -9.89 1.48
N GLU A 137 25.00 -9.51 0.22
CA GLU A 137 25.28 -10.46 -0.86
C GLU A 137 26.74 -10.90 -0.75
N ASP A 138 26.97 -12.08 -0.16
CA ASP A 138 28.31 -12.60 -0.04
C ASP A 138 28.92 -12.88 -1.41
N ASN A 139 28.15 -13.45 -2.32
CA ASN A 139 28.59 -13.74 -3.68
C ASN A 139 27.97 -12.75 -4.65
N VAL A 140 28.69 -12.46 -5.73
CA VAL A 140 28.21 -11.50 -6.72
C VAL A 140 27.05 -12.10 -7.50
N THR A 141 25.99 -11.30 -7.67
CA THR A 141 24.81 -11.72 -8.42
C THR A 141 24.07 -10.48 -8.88
N TRP A 142 23.55 -10.52 -10.10
CA TRP A 142 22.84 -9.37 -10.66
C TRP A 142 22.01 -9.84 -11.85
N MET A 143 20.71 -9.54 -11.82
CA MET A 143 19.82 -9.80 -12.95
C MET A 143 19.05 -8.54 -13.29
N LEU A 144 18.77 -8.36 -14.58
CA LEU A 144 18.12 -7.13 -15.03
C LEU A 144 16.64 -7.07 -14.62
N HIS A 145 16.05 -8.20 -14.23
CA HIS A 145 14.64 -8.24 -13.87
C HIS A 145 14.43 -8.80 -12.47
N SER A 146 15.38 -8.51 -11.57
CA SER A 146 15.26 -8.99 -10.20
C SER A 146 14.16 -8.25 -9.45
N THR A 147 13.53 -8.96 -8.51
CA THR A 147 12.45 -8.41 -7.70
C THR A 147 12.70 -8.73 -6.24
N SER A 148 12.53 -7.73 -5.38
CA SER A 148 12.74 -7.92 -3.96
C SER A 148 11.59 -8.72 -3.35
N PRO A 149 11.87 -9.55 -2.34
CA PRO A 149 10.78 -10.29 -1.67
C PRO A 149 9.75 -9.37 -1.04
N ALA A 150 10.14 -8.21 -0.53
CA ALA A 150 9.18 -7.26 0.02
C ALA A 150 8.26 -6.73 -1.09
N GLU A 151 8.81 -6.50 -2.28
CA GLU A 151 7.98 -6.06 -3.40
C GLU A 151 6.95 -7.13 -3.77
N GLU A 152 7.37 -8.40 -3.76
CA GLU A 152 6.43 -9.49 -4.04
C GLU A 152 5.36 -9.58 -2.96
N PHE A 153 5.76 -9.39 -1.70
CA PHE A 153 4.78 -9.40 -0.61
C PHE A 153 3.77 -8.27 -0.75
N TYR A 154 4.24 -7.09 -1.14
CA TYR A 154 3.35 -5.94 -1.25
C TYR A 154 2.42 -6.06 -2.45
N THR A 155 2.95 -6.47 -3.60
CA THR A 155 2.19 -6.45 -4.85
C THR A 155 1.43 -7.73 -5.14
N ARG A 156 1.64 -8.79 -4.35
CA ARG A 156 0.97 -10.06 -4.61
C ARG A 156 0.22 -10.63 -3.42
N HIS A 157 0.42 -10.10 -2.21
CA HIS A 157 -0.30 -10.56 -1.02
C HIS A 157 -1.22 -9.49 -0.45
N VAL A 158 -0.70 -8.29 -0.23
CA VAL A 158 -1.53 -7.21 0.30
C VAL A 158 -2.38 -6.60 -0.82
N LEU A 159 -1.72 -6.05 -1.85
CA LEU A 159 -2.45 -5.47 -2.97
C LEU A 159 -3.00 -6.53 -3.92
N GLN A 160 -2.27 -7.64 -4.09
CA GLN A 160 -2.63 -8.69 -5.05
C GLN A 160 -2.79 -8.10 -6.45
N ILE A 161 -1.84 -7.24 -6.83
CA ILE A 161 -1.90 -6.55 -8.11
C ILE A 161 -1.67 -7.48 -9.29
N HIS A 162 -1.13 -8.69 -9.06
CA HIS A 162 -0.87 -9.61 -10.15
C HIS A 162 -2.14 -10.19 -10.76
N ARG A 163 -3.27 -10.08 -10.06
CA ARG A 163 -4.54 -10.58 -10.55
C ARG A 163 -5.28 -9.60 -11.44
N SER A 164 -4.73 -8.39 -11.63
CA SER A 164 -5.36 -7.36 -12.44
C SER A 164 -4.39 -6.89 -13.51
N LYS A 165 -4.92 -6.69 -14.72
CA LYS A 165 -4.14 -6.25 -15.87
C LYS A 165 -4.12 -4.73 -16.03
N GLY A 166 -4.39 -3.99 -14.95
CA GLY A 166 -4.41 -2.54 -14.99
C GLY A 166 -5.79 -1.99 -14.68
N LEU A 167 -6.05 -0.79 -15.19
CA LEU A 167 -7.35 -0.15 -14.99
C LEU A 167 -8.47 -0.83 -15.77
N GLN A 168 -8.16 -1.63 -16.78
CA GLN A 168 -9.18 -2.29 -17.56
C GLN A 168 -9.71 -3.53 -16.84
N ASP A 169 -8.82 -4.46 -16.49
CA ASP A 169 -9.21 -5.68 -15.79
C ASP A 169 -9.28 -5.43 -14.28
N LEU A 170 -10.27 -4.64 -13.89
CA LEU A 170 -10.49 -4.27 -12.49
C LEU A 170 -11.60 -5.15 -11.94
N GLY A 171 -11.22 -6.27 -11.35
CA GLY A 171 -12.18 -7.20 -10.78
C GLY A 171 -11.64 -7.85 -9.53
N GLY A 172 -12.55 -8.29 -8.68
CA GLY A 172 -12.18 -8.94 -7.43
C GLY A 172 -11.98 -7.95 -6.31
N ILE A 173 -12.46 -8.33 -5.13
CA ILE A 173 -12.39 -7.49 -3.93
C ILE A 173 -11.75 -8.30 -2.81
N SER A 174 -10.71 -7.74 -2.20
CA SER A 174 -10.04 -8.41 -1.09
C SER A 174 -10.87 -8.26 0.18
N TRP A 175 -11.15 -9.38 0.84
CA TRP A 175 -11.97 -9.36 2.05
C TRP A 175 -11.18 -8.86 3.26
N GLN A 176 -9.89 -9.17 3.35
CA GLN A 176 -9.08 -8.68 4.46
C GLN A 176 -8.98 -7.16 4.43
N LEU A 177 -8.73 -6.59 3.25
CA LEU A 177 -8.70 -5.14 3.12
C LEU A 177 -10.07 -4.55 3.42
N ALA A 178 -11.15 -5.24 3.03
CA ALA A 178 -12.49 -4.76 3.34
C ALA A 178 -12.71 -4.69 4.84
N LEU A 179 -12.31 -5.73 5.57
CA LEU A 179 -12.47 -5.72 7.02
C LEU A 179 -11.60 -4.65 7.67
N CYS A 180 -10.37 -4.48 7.18
CA CYS A 180 -9.50 -3.45 7.74
C CYS A 180 -10.07 -2.05 7.51
N ILE A 181 -10.59 -1.78 6.32
CA ILE A 181 -11.16 -0.47 6.03
C ILE A 181 -12.46 -0.27 6.80
N MET A 182 -13.23 -1.34 7.02
CA MET A 182 -14.44 -1.21 7.84
C MET A 182 -14.09 -0.85 9.28
N LEU A 183 -13.09 -1.52 9.85
CA LEU A 183 -12.66 -1.18 11.20
C LEU A 183 -12.12 0.25 11.27
N ILE A 184 -11.35 0.66 10.27
CA ILE A 184 -10.84 2.03 10.25
C ILE A 184 -11.98 3.04 10.16
N PHE A 185 -12.97 2.76 9.31
CA PHE A 185 -14.10 3.67 9.16
C PHE A 185 -14.91 3.77 10.44
N THR A 186 -15.12 2.63 11.12
CA THR A 186 -15.88 2.69 12.37
C THR A 186 -15.08 3.38 13.47
N ILE A 187 -13.75 3.24 13.47
CA ILE A 187 -12.93 3.98 14.42
C ILE A 187 -13.04 5.48 14.16
N ILE A 188 -13.01 5.89 12.89
CA ILE A 188 -13.17 7.29 12.54
C ILE A 188 -14.53 7.79 12.99
N TYR A 189 -15.58 7.01 12.73
CA TYR A 189 -16.93 7.42 13.12
C TYR A 189 -17.05 7.58 14.63
N PHE A 190 -16.47 6.65 15.40
CA PHE A 190 -16.48 6.78 16.85
C PHE A 190 -15.62 7.94 17.34
N SER A 191 -14.60 8.34 16.57
CA SER A 191 -13.76 9.45 16.97
C SER A 191 -14.45 10.80 16.82
N ILE A 192 -15.30 10.95 15.81
CA ILE A 192 -16.00 12.20 15.56
C ILE A 192 -17.50 12.01 15.74
N TRP A 193 -17.87 11.09 16.65
CA TRP A 193 -19.28 10.77 16.86
C TRP A 193 -20.07 11.99 17.34
N LYS A 194 -19.69 12.52 18.51
CA LYS A 194 -20.43 13.63 19.09
C LYS A 194 -20.07 14.96 18.43
N GLY A 195 -18.80 15.32 18.45
CA GLY A 195 -18.37 16.58 17.87
C GLY A 195 -16.89 16.86 18.04
N VAL A 196 -16.56 18.10 18.41
CA VAL A 196 -15.16 18.49 18.54
C VAL A 196 -14.55 18.05 19.87
N LYS A 197 -15.39 17.76 20.87
CA LYS A 197 -14.84 17.31 22.16
C LYS A 197 -14.18 15.95 22.01
N THR A 198 -14.88 14.99 21.39
CA THR A 198 -14.29 13.68 21.16
C THR A 198 -13.13 13.75 20.17
N SER A 199 -13.22 14.65 19.18
CA SER A 199 -12.12 14.82 18.24
C SER A 199 -10.86 15.28 18.95
N GLY A 200 -10.99 16.26 19.84
CA GLY A 200 -9.84 16.70 20.62
C GLY A 200 -9.34 15.64 21.57
N LYS A 201 -10.26 14.88 22.17
CA LYS A 201 -9.87 13.81 23.09
C LYS A 201 -9.05 12.74 22.38
N VAL A 202 -9.45 12.36 21.16
CA VAL A 202 -8.68 11.36 20.44
C VAL A 202 -7.42 11.95 19.82
N VAL A 203 -7.43 13.24 19.48
CA VAL A 203 -6.22 13.89 18.99
C VAL A 203 -5.17 13.94 20.08
N TRP A 204 -5.59 14.13 21.34
CA TRP A 204 -4.65 14.13 22.46
C TRP A 204 -3.86 12.83 22.55
N VAL A 205 -4.39 11.73 22.01
CA VAL A 205 -3.72 10.44 22.04
C VAL A 205 -2.97 10.15 20.75
N THR A 206 -3.63 10.36 19.61
CA THR A 206 -3.05 9.96 18.32
C THR A 206 -2.20 11.05 17.67
N ALA A 207 -2.00 12.20 18.32
CA ALA A 207 -1.10 13.22 17.80
C ALA A 207 0.23 13.28 18.55
N THR A 208 0.36 12.59 19.69
CA THR A 208 1.60 12.54 20.43
C THR A 208 2.39 11.26 20.22
N PHE A 209 1.70 10.14 19.99
CA PHE A 209 2.39 8.90 19.64
C PHE A 209 3.26 9.01 18.40
N PRO A 210 2.83 9.66 17.31
CA PRO A 210 3.75 9.78 16.15
C PRO A 210 5.06 10.47 16.47
N TYR A 211 5.05 11.45 17.36
CA TYR A 211 6.29 12.19 17.64
C TYR A 211 7.30 11.34 18.39
N ILE A 212 6.86 10.64 19.44
CA ILE A 212 7.75 9.76 20.17
C ILE A 212 8.19 8.59 19.29
N ILE A 213 7.29 8.12 18.43
CA ILE A 213 7.66 7.06 17.49
C ILE A 213 8.75 7.54 16.54
N LEU A 214 8.61 8.76 16.02
CA LEU A 214 9.63 9.31 15.13
C LEU A 214 10.95 9.50 15.85
N SER A 215 10.91 9.92 17.12
CA SER A 215 12.13 10.05 17.90
C SER A 215 12.81 8.69 18.07
N ILE A 216 12.04 7.66 18.36
CA ILE A 216 12.60 6.31 18.50
C ILE A 216 13.20 5.85 17.18
N LEU A 217 12.50 6.09 16.07
CA LEU A 217 13.02 5.70 14.76
C LEU A 217 14.31 6.44 14.44
N LEU A 218 14.38 7.73 14.79
CA LEU A 218 15.59 8.50 14.53
C LEU A 218 16.77 7.99 15.36
N VAL A 219 16.54 7.72 16.64
CA VAL A 219 17.64 7.25 17.48
C VAL A 219 18.07 5.84 17.08
N ARG A 220 17.14 5.05 16.52
CA ARG A 220 17.54 3.73 16.01
C ARG A 220 18.34 3.87 14.72
N GLY A 221 17.90 4.73 13.80
CA GLY A 221 18.61 4.92 12.55
C GLY A 221 19.99 5.53 12.72
N ALA A 222 20.13 6.42 13.70
CA ALA A 222 21.44 7.05 13.92
C ALA A 222 22.49 6.03 14.31
N THR A 223 22.13 5.05 15.15
CA THR A 223 23.06 4.00 15.57
C THR A 223 22.97 2.80 14.64
N LEU A 224 23.20 3.07 13.35
CA LEU A 224 23.19 2.05 12.32
C LEU A 224 24.41 2.20 11.42
N PRO A 225 24.93 1.10 10.88
CA PRO A 225 26.08 1.18 9.98
C PRO A 225 25.67 1.74 8.63
N GLY A 226 26.27 2.88 8.25
CA GLY A 226 25.98 3.52 6.99
C GLY A 226 24.99 4.67 7.06
N ALA A 227 24.55 5.05 8.26
CA ALA A 227 23.63 6.18 8.38
C ALA A 227 24.31 7.49 8.01
N TRP A 228 25.62 7.58 8.20
CA TRP A 228 26.34 8.80 7.87
C TRP A 228 26.26 9.11 6.38
N ARG A 229 26.34 8.08 5.53
CA ARG A 229 26.23 8.30 4.09
C ARG A 229 24.89 8.89 3.72
N GLY A 230 23.80 8.36 4.31
CA GLY A 230 22.49 8.94 4.08
C GLY A 230 22.38 10.35 4.62
N VAL A 231 23.05 10.63 5.74
CA VAL A 231 23.04 11.99 6.29
C VAL A 231 23.69 12.96 5.31
N LEU A 232 24.84 12.59 4.77
CA LEU A 232 25.50 13.46 3.79
C LEU A 232 24.66 13.58 2.51
N PHE A 233 23.99 12.49 2.10
CA PHE A 233 23.13 12.55 0.93
C PHE A 233 22.00 13.56 1.15
N TYR A 234 21.36 13.52 2.31
CA TYR A 234 20.30 14.48 2.61
C TYR A 234 20.85 15.88 2.79
N LEU A 235 22.12 16.01 3.15
CA LEU A 235 22.75 17.30 3.40
C LEU A 235 23.88 17.59 2.42
N LYS A 236 23.64 17.33 1.13
CA LYS A 236 24.62 17.63 0.09
C LYS A 236 24.06 18.72 -0.83
N PRO A 237 24.38 19.99 -0.60
CA PRO A 237 23.87 21.05 -1.47
C PRO A 237 24.24 20.84 -2.93
N ASN A 238 23.30 21.17 -3.81
CA ASN A 238 23.52 21.16 -5.26
C ASN A 238 23.02 22.49 -5.79
N TRP A 239 23.90 23.51 -5.77
CA TRP A 239 23.51 24.84 -6.18
C TRP A 239 23.34 24.97 -7.69
N GLN A 240 23.91 24.04 -8.47
CA GLN A 240 23.75 24.08 -9.92
C GLN A 240 22.31 23.83 -10.33
N LYS A 241 21.56 23.06 -9.54
CA LYS A 241 20.17 22.75 -9.84
C LYS A 241 19.22 23.84 -9.39
N LEU A 242 19.70 24.88 -8.72
CA LEU A 242 18.86 25.96 -8.22
C LEU A 242 18.75 27.13 -9.20
N LEU A 243 19.27 26.98 -10.41
CA LEU A 243 19.27 28.06 -11.39
C LEU A 243 18.04 28.07 -12.28
N GLU A 244 17.10 27.15 -12.08
CA GLU A 244 15.88 27.11 -12.87
C GLU A 244 14.67 27.19 -11.95
N THR A 245 13.56 27.72 -12.49
CA THR A 245 12.35 27.92 -11.71
C THR A 245 11.62 26.63 -11.39
N GLY A 246 12.02 25.51 -11.97
CA GLY A 246 11.35 24.24 -11.66
C GLY A 246 11.49 23.85 -10.21
N VAL A 247 12.69 24.01 -9.64
CA VAL A 247 12.91 23.68 -8.24
C VAL A 247 12.09 24.59 -7.34
N TRP A 248 12.04 25.89 -7.66
CA TRP A 248 11.23 26.81 -6.87
C TRP A 248 9.75 26.44 -6.93
N VAL A 249 9.26 26.08 -8.13
CA VAL A 249 7.86 25.69 -8.28
C VAL A 249 7.57 24.43 -7.47
N ASP A 250 8.49 23.44 -7.53
CA ASP A 250 8.30 22.22 -6.78
C ASP A 250 8.30 22.47 -5.27
N ALA A 251 9.20 23.34 -4.80
CA ALA A 251 9.25 23.67 -3.38
C ALA A 251 7.97 24.37 -2.94
N ALA A 252 7.48 25.32 -3.75
CA ALA A 252 6.25 26.02 -3.41
C ALA A 252 5.07 25.06 -3.37
N ALA A 253 4.99 24.15 -4.35
CA ALA A 253 3.92 23.17 -4.35
C ALA A 253 4.00 22.25 -3.14
N GLN A 254 5.22 21.83 -2.77
CA GLN A 254 5.38 20.95 -1.62
C GLN A 254 4.96 21.64 -0.33
N ILE A 255 5.39 22.88 -0.13
CA ILE A 255 5.03 23.58 1.10
C ILE A 255 3.54 23.90 1.14
N PHE A 256 2.94 24.23 -0.02
CA PHE A 256 1.51 24.48 -0.05
C PHE A 256 0.73 23.20 0.26
N PHE A 257 1.18 22.07 -0.26
CA PHE A 257 0.53 20.80 0.07
C PHE A 257 0.68 20.48 1.54
N SER A 258 1.87 20.68 2.11
CA SER A 258 2.11 20.32 3.50
C SER A 258 1.27 21.19 4.44
N LEU A 259 1.32 22.52 4.26
CA LEU A 259 0.50 23.40 5.09
C LEU A 259 -0.98 23.21 4.80
N GLY A 260 -1.34 23.10 3.53
CA GLY A 260 -2.69 22.76 3.13
C GLY A 260 -3.71 23.88 3.32
N PRO A 261 -3.58 24.97 2.57
CA PRO A 261 -4.63 25.99 2.57
C PRO A 261 -5.67 25.74 1.49
N GLY A 262 -6.90 26.13 1.81
CA GLY A 262 -8.00 25.93 0.90
C GLY A 262 -8.62 24.55 0.92
N PHE A 263 -8.17 23.67 1.82
CA PHE A 263 -8.73 22.33 1.94
C PHE A 263 -10.07 22.30 2.67
N GLY A 264 -10.52 23.43 3.21
CA GLY A 264 -11.75 23.44 3.96
C GLY A 264 -11.65 22.84 5.34
N VAL A 265 -10.45 22.79 5.91
CA VAL A 265 -10.24 22.26 7.25
C VAL A 265 -9.85 23.35 8.24
N LEU A 266 -9.02 24.31 7.81
CA LEU A 266 -8.62 25.40 8.69
C LEU A 266 -9.80 26.27 9.07
N LEU A 267 -10.68 26.57 8.13
CA LEU A 267 -11.84 27.41 8.41
C LEU A 267 -12.75 26.75 9.44
N ALA A 268 -13.03 25.46 9.27
CA ALA A 268 -13.89 24.75 10.21
C ALA A 268 -13.26 24.68 11.60
N PHE A 269 -11.95 24.40 11.67
CA PHE A 269 -11.28 24.33 12.96
C PHE A 269 -11.26 25.69 13.66
N ALA A 270 -11.01 26.76 12.92
CA ALA A 270 -10.99 28.09 13.51
C ALA A 270 -12.38 28.60 13.83
N SER A 271 -13.42 28.04 13.20
CA SER A 271 -14.79 28.44 13.53
C SER A 271 -15.14 28.10 14.97
N TYR A 272 -14.51 27.09 15.54
CA TYR A 272 -14.75 26.67 16.92
C TYR A 272 -13.82 27.36 17.91
N ASN A 273 -13.02 28.33 17.45
CA ASN A 273 -12.10 29.07 18.31
C ASN A 273 -12.80 30.28 18.90
N LYS A 274 -12.22 30.78 20.00
CA LYS A 274 -12.76 31.97 20.64
C LYS A 274 -12.48 33.21 19.80
N PHE A 275 -13.34 34.22 19.97
CA PHE A 275 -13.19 35.46 19.22
C PHE A 275 -11.93 36.22 19.61
N ASN A 276 -11.47 36.08 20.86
CA ASN A 276 -10.29 36.77 21.35
C ASN A 276 -9.06 35.87 21.37
N ASN A 277 -8.93 34.98 20.39
CA ASN A 277 -7.80 34.07 20.31
C ASN A 277 -6.76 34.64 19.34
N ASN A 278 -5.49 34.59 19.74
CA ASN A 278 -4.40 35.12 18.93
C ASN A 278 -4.03 34.08 17.87
N CYS A 279 -4.51 34.29 16.64
CA CYS A 279 -4.22 33.37 15.55
C CYS A 279 -2.82 33.52 14.99
N TYR A 280 -2.15 34.65 15.24
CA TYR A 280 -0.80 34.84 14.74
C TYR A 280 0.17 33.84 15.36
N GLN A 281 0.18 33.75 16.69
CA GLN A 281 1.07 32.81 17.37
C GLN A 281 0.73 31.37 17.02
N ASP A 282 -0.56 31.06 16.95
CA ASP A 282 -0.98 29.70 16.58
C ASP A 282 -0.49 29.34 15.18
N ALA A 283 -0.66 30.25 14.22
CA ALA A 283 -0.21 29.98 12.86
C ALA A 283 1.29 29.81 12.79
N LEU A 284 2.05 30.69 13.46
CA LEU A 284 3.50 30.58 13.44
C LEU A 284 3.97 29.26 14.08
N VAL A 285 3.37 28.90 15.21
CA VAL A 285 3.75 27.66 15.89
C VAL A 285 3.44 26.46 15.01
N THR A 286 2.26 26.44 14.39
CA THR A 286 1.91 25.32 13.52
C THR A 286 2.85 25.23 12.33
N SER A 287 3.20 26.38 11.74
CA SER A 287 4.10 26.37 10.58
C SER A 287 5.47 25.82 10.96
N VAL A 288 6.04 26.31 12.07
CA VAL A 288 7.37 25.85 12.45
C VAL A 288 7.34 24.38 12.87
N VAL A 289 6.27 23.95 13.54
CA VAL A 289 6.16 22.55 13.94
C VAL A 289 6.08 21.65 12.72
N ASN A 290 5.25 22.03 11.74
CA ASN A 290 5.13 21.23 10.52
C ASN A 290 6.45 21.19 9.76
N CYS A 291 7.15 22.31 9.69
CA CYS A 291 8.44 22.33 8.99
C CYS A 291 9.45 21.44 9.68
N MET A 292 9.53 21.50 11.01
CA MET A 292 10.48 20.65 11.73
C MET A 292 10.10 19.19 11.63
N THR A 293 8.79 18.88 11.62
CA THR A 293 8.36 17.50 11.46
C THR A 293 8.74 16.96 10.09
N SER A 294 8.53 17.77 9.04
CA SER A 294 8.93 17.35 7.71
C SER A 294 10.43 17.16 7.61
N PHE A 295 11.20 18.05 8.25
CA PHE A 295 12.65 17.92 8.23
C PHE A 295 13.10 16.63 8.92
N VAL A 296 12.50 16.33 10.08
CA VAL A 296 12.84 15.11 10.80
C VAL A 296 12.46 13.87 9.99
N SER A 297 11.29 13.90 9.35
CA SER A 297 10.86 12.79 8.52
C SER A 297 11.82 12.57 7.35
N GLY A 298 12.24 13.66 6.70
CA GLY A 298 13.23 13.52 5.64
C GLY A 298 14.54 12.97 6.15
N PHE A 299 14.97 13.42 7.34
CA PHE A 299 16.21 12.92 7.93
C PHE A 299 16.14 11.41 8.16
N VAL A 300 15.05 10.94 8.76
CA VAL A 300 14.96 9.51 9.08
C VAL A 300 14.82 8.69 7.80
N ILE A 301 14.05 9.18 6.82
CA ILE A 301 13.90 8.46 5.55
C ILE A 301 15.25 8.32 4.86
N PHE A 302 16.01 9.42 4.80
CA PHE A 302 17.31 9.37 4.14
C PHE A 302 18.32 8.54 4.92
N THR A 303 18.24 8.55 6.25
CA THR A 303 19.11 7.68 7.05
C THR A 303 18.81 6.21 6.77
N VAL A 304 17.53 5.84 6.71
CA VAL A 304 17.17 4.46 6.41
C VAL A 304 17.64 4.08 5.00
N LEU A 305 17.45 4.98 4.05
CA LEU A 305 17.88 4.71 2.67
C LEU A 305 19.40 4.53 2.59
N GLY A 306 20.15 5.38 3.30
CA GLY A 306 21.60 5.24 3.30
C GLY A 306 22.05 3.96 3.97
N TYR A 307 21.40 3.57 5.07
CA TYR A 307 21.73 2.30 5.71
C TYR A 307 21.46 1.13 4.77
N MET A 308 20.33 1.17 4.05
CA MET A 308 20.03 0.10 3.10
C MET A 308 21.06 0.06 1.99
N ALA A 309 21.45 1.22 1.46
CA ALA A 309 22.43 1.26 0.39
C ALA A 309 23.78 0.73 0.87
N GLU A 310 24.18 1.09 2.09
CA GLU A 310 25.43 0.56 2.64
C GLU A 310 25.36 -0.94 2.82
N MET A 311 24.21 -1.45 3.26
CA MET A 311 24.05 -2.90 3.40
C MET A 311 24.10 -3.61 2.05
N ARG A 312 23.59 -2.97 1.00
CA ARG A 312 23.61 -3.54 -0.34
C ARG A 312 24.89 -3.25 -1.10
N ASN A 313 25.83 -2.53 -0.48
CA ASN A 313 27.14 -2.22 -1.08
C ASN A 313 26.98 -1.50 -2.41
N GLU A 314 26.16 -0.45 -2.40
CA GLU A 314 25.93 0.36 -3.60
C GLU A 314 25.56 1.77 -3.17
N ASP A 315 25.66 2.70 -4.13
CA ASP A 315 25.33 4.09 -3.86
C ASP A 315 23.83 4.25 -3.57
N VAL A 316 23.50 5.28 -2.80
CA VAL A 316 22.13 5.53 -2.40
C VAL A 316 21.36 6.00 -3.63
N SER A 317 20.02 5.99 -3.54
CA SER A 317 19.06 6.32 -4.60
C SER A 317 18.96 5.22 -5.65
N GLU A 318 19.76 4.17 -5.57
CA GLU A 318 19.59 3.01 -6.43
C GLU A 318 18.64 1.98 -5.84
N VAL A 319 18.33 2.08 -4.55
CA VAL A 319 17.36 1.22 -3.89
C VAL A 319 15.98 1.87 -3.83
N ALA A 320 15.77 2.95 -4.58
CA ALA A 320 14.51 3.67 -4.59
C ALA A 320 13.98 3.79 -6.02
N LYS A 321 13.97 2.68 -6.75
CA LYS A 321 13.54 2.68 -8.14
C LYS A 321 12.09 3.13 -8.31
N ASP A 322 11.27 3.02 -7.27
CA ASP A 322 9.88 3.44 -7.30
C ASP A 322 9.64 4.48 -6.21
N ALA A 323 8.89 5.52 -6.55
CA ALA A 323 8.56 6.60 -5.64
C ALA A 323 7.04 6.69 -5.48
N GLY A 324 6.60 6.83 -4.23
CA GLY A 324 5.19 6.90 -3.94
C GLY A 324 4.82 6.16 -2.67
N PRO A 325 3.56 5.76 -2.55
CA PRO A 325 3.15 4.97 -1.38
C PRO A 325 3.89 3.65 -1.24
N SER A 326 4.27 3.02 -2.37
CA SER A 326 5.00 1.76 -2.31
C SER A 326 6.41 1.92 -1.78
N LEU A 327 6.95 3.15 -1.80
CA LEU A 327 8.32 3.36 -1.34
C LEU A 327 8.48 2.93 0.12
N LEU A 328 7.53 3.30 0.97
CA LEU A 328 7.56 2.83 2.36
C LEU A 328 7.46 1.31 2.41
N PHE A 329 6.36 0.76 1.92
CA PHE A 329 6.06 -0.67 2.04
C PHE A 329 7.07 -1.55 1.33
N ILE A 330 8.05 -0.96 0.65
CA ILE A 330 9.16 -1.70 0.07
C ILE A 330 10.46 -1.45 0.84
N THR A 331 10.93 -0.20 0.85
CA THR A 331 12.23 0.08 1.47
C THR A 331 12.18 -0.13 2.98
N TYR A 332 11.19 0.44 3.66
CA TYR A 332 11.13 0.26 5.11
C TYR A 332 10.81 -1.18 5.47
N ALA A 333 10.01 -1.86 4.65
CA ALA A 333 9.75 -3.27 4.89
C ALA A 333 11.05 -4.07 4.86
N GLU A 334 11.89 -3.84 3.84
CA GLU A 334 13.18 -4.52 3.78
C GLU A 334 14.07 -4.14 4.96
N ALA A 335 14.08 -2.85 5.32
CA ALA A 335 14.96 -2.38 6.39
C ALA A 335 14.60 -3.03 7.72
N ILE A 336 13.31 -3.07 8.05
CA ILE A 336 12.89 -3.73 9.29
C ILE A 336 13.02 -5.24 9.20
N ALA A 337 12.90 -5.83 8.01
CA ALA A 337 13.17 -7.25 7.86
C ALA A 337 14.63 -7.57 8.19
N ASN A 338 15.55 -6.72 7.74
CA ASN A 338 16.96 -6.91 8.05
C ASN A 338 17.35 -6.36 9.42
N MET A 339 16.48 -5.59 10.06
CA MET A 339 16.79 -5.03 11.36
C MET A 339 16.80 -6.12 12.43
N PRO A 340 17.67 -5.99 13.44
CA PRO A 340 17.67 -6.99 14.53
C PRO A 340 16.35 -7.05 15.28
N ALA A 341 15.65 -5.93 15.44
CA ALA A 341 14.33 -5.88 16.06
C ALA A 341 13.31 -5.64 14.95
N SER A 342 12.65 -6.72 14.51
CA SER A 342 11.77 -6.65 13.35
C SER A 342 10.32 -6.39 13.77
N THR A 343 9.76 -7.25 14.61
CA THR A 343 8.33 -7.15 14.93
C THR A 343 8.01 -5.83 15.63
N PHE A 344 8.81 -5.47 16.64
CA PHE A 344 8.52 -4.27 17.42
C PHE A 344 8.59 -3.02 16.56
N PHE A 345 9.67 -2.86 15.80
CA PHE A 345 9.83 -1.65 14.99
C PHE A 345 8.82 -1.62 13.85
N ALA A 346 8.51 -2.77 13.26
CA ALA A 346 7.50 -2.81 12.21
C ALA A 346 6.14 -2.38 12.74
N ILE A 347 5.75 -2.91 13.90
CA ILE A 347 4.48 -2.53 14.50
C ILE A 347 4.47 -1.05 14.85
N ILE A 348 5.59 -0.54 15.37
CA ILE A 348 5.67 0.87 15.73
C ILE A 348 5.51 1.76 14.51
N PHE A 349 6.20 1.42 13.42
CA PHE A 349 6.10 2.20 12.19
C PHE A 349 4.70 2.14 11.60
N PHE A 350 4.08 0.96 11.61
CA PHE A 350 2.73 0.84 11.06
C PHE A 350 1.73 1.62 11.90
N LEU A 351 1.89 1.61 13.23
CA LEU A 351 1.03 2.42 14.09
C LEU A 351 1.24 3.90 13.83
N MET A 352 2.49 4.31 13.59
CA MET A 352 2.77 5.71 13.25
C MET A 352 2.05 6.10 11.97
N LEU A 353 2.13 5.26 10.94
CA LEU A 353 1.45 5.55 9.69
C LEU A 353 -0.06 5.61 9.89
N ILE A 354 -0.59 4.68 10.70
CA ILE A 354 -2.03 4.65 10.97
C ILE A 354 -2.47 5.95 11.64
N THR A 355 -1.72 6.39 12.65
CA THR A 355 -2.07 7.63 13.35
C THR A 355 -1.93 8.84 12.42
N LEU A 356 -0.89 8.88 11.60
CA LEU A 356 -0.69 9.99 10.69
C LEU A 356 -1.87 10.11 9.71
N GLY A 357 -2.30 8.97 9.16
CA GLY A 357 -3.46 9.01 8.29
C GLY A 357 -4.75 9.34 9.04
N LEU A 358 -4.90 8.80 10.25
CA LEU A 358 -6.14 8.98 10.99
C LEU A 358 -6.35 10.44 11.38
N ASP A 359 -5.29 11.14 11.77
CA ASP A 359 -5.44 12.55 12.15
C ASP A 359 -5.96 13.37 10.97
N SER A 360 -5.35 13.17 9.80
CA SER A 360 -5.81 13.89 8.60
C SER A 360 -7.24 13.49 8.23
N THR A 361 -7.59 12.21 8.41
CA THR A 361 -8.95 11.77 8.09
C THR A 361 -9.96 12.43 9.01
N PHE A 362 -9.67 12.48 10.32
CA PHE A 362 -10.58 13.16 11.23
C PHE A 362 -10.70 14.64 10.89
N ALA A 363 -9.58 15.29 10.57
CA ALA A 363 -9.62 16.71 10.22
C ALA A 363 -10.49 16.94 9.00
N GLY A 364 -10.29 16.14 7.95
CA GLY A 364 -11.07 16.31 6.74
C GLY A 364 -12.54 16.02 6.94
N LEU A 365 -12.87 14.95 7.65
CA LEU A 365 -14.27 14.62 7.88
C LEU A 365 -14.95 15.67 8.75
N GLU A 366 -14.26 16.18 9.77
CA GLU A 366 -14.82 17.25 10.59
C GLU A 366 -15.05 18.51 9.78
N GLY A 367 -14.09 18.86 8.90
CA GLY A 367 -14.29 20.01 8.04
C GLY A 367 -15.47 19.86 7.10
N VAL A 368 -15.61 18.67 6.50
CA VAL A 368 -16.72 18.42 5.60
C VAL A 368 -18.05 18.49 6.36
N ILE A 369 -18.10 17.90 7.55
CA ILE A 369 -19.32 17.92 8.35
C ILE A 369 -19.69 19.35 8.72
N THR A 370 -18.70 20.14 9.15
CA THR A 370 -18.97 21.53 9.51
C THR A 370 -19.46 22.32 8.30
N ALA A 371 -18.83 22.11 7.14
CA ALA A 371 -19.24 22.84 5.93
C ALA A 371 -20.66 22.49 5.54
N VAL A 372 -21.01 21.20 5.56
CA VAL A 372 -22.35 20.79 5.16
C VAL A 372 -23.39 21.26 6.16
N LEU A 373 -23.06 21.19 7.46
CA LEU A 373 -24.03 21.52 8.49
C LEU A 373 -24.28 23.02 8.57
N ASP A 374 -23.22 23.83 8.48
CA ASP A 374 -23.38 25.27 8.67
C ASP A 374 -24.23 25.91 7.59
N GLU A 375 -24.42 25.25 6.46
CA GLU A 375 -25.34 25.75 5.45
C GLU A 375 -26.79 25.64 5.92
N PHE A 376 -27.07 24.72 6.84
CA PHE A 376 -28.42 24.47 7.34
C PHE A 376 -28.39 24.54 8.86
N PRO A 377 -28.52 25.75 9.44
CA PRO A 377 -28.49 25.87 10.90
C PRO A 377 -29.66 25.19 11.60
N HIS A 378 -30.74 24.89 10.88
CA HIS A 378 -31.95 24.33 11.47
C HIS A 378 -31.85 22.84 11.74
N PHE A 379 -30.63 22.27 11.74
CA PHE A 379 -30.43 20.84 11.93
C PHE A 379 -29.44 20.59 13.07
N TRP A 380 -29.66 21.27 14.20
CA TRP A 380 -28.82 21.11 15.37
C TRP A 380 -29.44 20.23 16.43
N SER A 381 -30.53 19.53 16.12
CA SER A 381 -31.18 18.69 17.12
C SER A 381 -30.52 17.32 17.21
N LYS A 382 -30.68 16.49 16.18
CA LYS A 382 -30.09 15.15 16.16
C LYS A 382 -29.53 14.81 14.79
N ARG A 383 -29.08 15.81 14.04
CA ARG A 383 -28.64 15.61 12.67
C ARG A 383 -27.15 15.31 12.56
N ARG A 384 -26.36 15.65 13.58
CA ARG A 384 -24.91 15.48 13.49
C ARG A 384 -24.53 14.03 13.24
N GLU A 385 -25.13 13.10 14.01
CA GLU A 385 -24.81 11.68 13.84
C GLU A 385 -25.24 11.18 12.48
N TRP A 386 -26.42 11.59 12.00
CA TRP A 386 -26.89 11.15 10.69
C TRP A 386 -25.98 11.67 9.58
N LEU A 387 -25.53 12.93 9.68
CA LEU A 387 -24.63 13.48 8.69
C LEU A 387 -23.28 12.78 8.71
N ALA A 388 -22.78 12.46 9.90
CA ALA A 388 -21.52 11.71 10.00
C ALA A 388 -21.66 10.34 9.36
N LEU A 389 -22.78 9.65 9.63
CA LEU A 389 -23.00 8.34 9.02
C LEU A 389 -23.10 8.46 7.50
N GLY A 390 -23.76 9.51 7.01
CA GLY A 390 -23.90 9.69 5.57
C GLY A 390 -22.56 9.95 4.89
N VAL A 391 -21.74 10.82 5.48
CA VAL A 391 -20.44 11.10 4.87
C VAL A 391 -19.53 9.87 4.95
N VAL A 392 -19.63 9.10 6.05
CA VAL A 392 -18.85 7.87 6.15
C VAL A 392 -19.28 6.88 5.07
N ILE A 393 -20.60 6.76 4.84
CA ILE A 393 -21.09 5.86 3.81
C ILE A 393 -20.64 6.31 2.43
N THR A 394 -20.66 7.62 2.18
CA THR A 394 -20.21 8.15 0.90
C THR A 394 -18.73 7.87 0.68
N CYS A 395 -17.91 8.06 1.72
CA CYS A 395 -16.48 7.76 1.60
C CYS A 395 -16.26 6.27 1.36
N PHE A 396 -17.03 5.41 2.05
CA PHE A 396 -16.91 3.98 1.83
C PHE A 396 -17.27 3.60 0.40
N LEU A 397 -18.34 4.19 -0.13
CA LEU A 397 -18.73 3.91 -1.51
C LEU A 397 -17.67 4.38 -2.49
N GLY A 398 -17.07 5.55 -2.22
CA GLY A 398 -16.01 6.04 -3.09
C GLY A 398 -14.76 5.18 -3.04
N SER A 399 -14.42 4.66 -1.86
CA SER A 399 -13.24 3.83 -1.71
C SER A 399 -13.48 2.36 -2.05
N LEU A 400 -14.74 1.96 -2.29
CA LEU A 400 -15.02 0.57 -2.65
C LEU A 400 -14.32 0.19 -3.95
N ILE A 401 -14.32 1.08 -4.95
CA ILE A 401 -13.66 0.78 -6.21
C ILE A 401 -12.14 0.68 -6.01
N THR A 402 -11.59 1.51 -5.14
CA THR A 402 -10.16 1.44 -4.83
C THR A 402 -9.82 0.23 -3.98
N LEU A 403 -10.82 -0.39 -3.34
CA LEU A 403 -10.61 -1.56 -2.50
C LEU A 403 -10.34 -2.82 -3.30
N THR A 404 -10.50 -2.78 -4.62
CA THR A 404 -10.33 -3.97 -5.45
C THR A 404 -8.86 -4.39 -5.49
N PHE A 405 -8.61 -5.51 -6.17
CA PHE A 405 -7.25 -6.02 -6.28
C PHE A 405 -6.35 -5.04 -7.04
N GLY A 406 -6.86 -4.46 -8.12
CA GLY A 406 -6.10 -3.48 -8.86
C GLY A 406 -6.39 -2.06 -8.41
N GLY A 407 -6.66 -1.89 -7.12
CA GLY A 407 -6.97 -0.58 -6.58
C GLY A 407 -5.78 0.34 -6.41
N ALA A 408 -4.55 -0.20 -6.48
CA ALA A 408 -3.38 0.65 -6.39
C ALA A 408 -3.31 1.63 -7.55
N TYR A 409 -3.72 1.18 -8.74
CA TYR A 409 -3.70 2.06 -9.91
C TYR A 409 -4.59 3.27 -9.71
N VAL A 410 -5.84 3.04 -9.30
CA VAL A 410 -6.77 4.16 -9.10
C VAL A 410 -6.35 4.98 -7.89
N VAL A 411 -5.74 4.36 -6.88
CA VAL A 411 -5.27 5.11 -5.72
C VAL A 411 -4.18 6.10 -6.14
N LYS A 412 -3.22 5.64 -6.93
CA LYS A 412 -2.17 6.53 -7.42
C LYS A 412 -2.75 7.59 -8.35
N LEU A 413 -3.71 7.23 -9.19
CA LEU A 413 -4.34 8.21 -10.07
C LEU A 413 -5.02 9.30 -9.28
N LEU A 414 -5.74 8.94 -8.20
CA LEU A 414 -6.34 9.94 -7.35
C LEU A 414 -5.29 10.80 -6.66
N GLU A 415 -4.25 10.16 -6.11
CA GLU A 415 -3.26 10.87 -5.31
C GLU A 415 -2.43 11.84 -6.14
N GLU A 416 -2.20 11.55 -7.42
CA GLU A 416 -1.43 12.46 -8.26
C GLU A 416 -2.30 13.60 -8.79
N PHE A 417 -4.75 15.95 -9.55
CA PHE A 417 -6.02 15.25 -9.61
C PHE A 417 -6.79 15.43 -8.30
N ALA A 418 -6.92 14.35 -7.52
CA ALA A 418 -7.56 14.47 -6.21
C ALA A 418 -6.74 15.40 -5.33
N THR A 419 -5.41 15.26 -5.38
CA THR A 419 -4.50 16.17 -4.70
C THR A 419 -3.56 16.75 -5.74
N GLY A 420 -3.73 18.04 -6.03
CA GLY A 420 -2.92 18.69 -7.03
C GLY A 420 -3.49 20.04 -7.43
N PRO A 421 -3.54 20.31 -8.74
CA PRO A 421 -4.02 21.62 -9.20
C PRO A 421 -5.45 21.92 -8.79
N ALA A 422 -6.27 20.89 -8.54
CA ALA A 422 -7.65 21.13 -8.14
C ALA A 422 -7.74 21.85 -6.80
N VAL A 423 -6.82 21.56 -5.89
CA VAL A 423 -6.82 22.23 -4.58
C VAL A 423 -6.12 23.59 -4.65
N LEU A 424 -5.03 23.68 -5.41
CA LEU A 424 -4.33 24.94 -5.54
C LEU A 424 -5.21 25.99 -6.22
N THR A 425 -5.98 25.59 -7.23
CA THR A 425 -6.89 26.52 -7.88
C THR A 425 -7.98 27.00 -6.92
N VAL A 426 -8.49 26.09 -6.09
CA VAL A 426 -9.51 26.47 -5.10
C VAL A 426 -8.92 27.47 -4.10
N ALA A 427 -7.69 27.21 -3.64
CA ALA A 427 -7.04 28.13 -2.72
C ALA A 427 -6.81 29.49 -3.36
N LEU A 428 -6.40 29.49 -4.63
CA LEU A 428 -6.20 30.74 -5.35
C LEU A 428 -7.51 31.51 -5.49
N ILE A 429 -8.60 30.82 -5.78
CA ILE A 429 -9.91 31.47 -5.87
C ILE A 429 -10.30 32.07 -4.53
N GLU A 430 -10.11 31.31 -3.45
CA GLU A 430 -10.40 31.83 -2.12
C GLU A 430 -9.61 33.10 -1.83
N ALA A 431 -8.29 33.05 -2.06
CA ALA A 431 -7.44 34.19 -1.76
C ALA A 431 -7.82 35.40 -2.61
N VAL A 432 -8.04 35.19 -3.91
CA VAL A 432 -8.35 36.31 -4.80
C VAL A 432 -9.68 36.93 -4.43
N ALA A 433 -10.68 36.11 -4.08
CA ALA A 433 -11.97 36.64 -3.67
C ALA A 433 -11.84 37.45 -2.39
N VAL A 434 -11.15 36.89 -1.40
CA VAL A 434 -11.04 37.57 -0.11
C VAL A 434 -10.28 38.89 -0.25
N PHE A 435 -9.20 38.90 -1.02
CA PHE A 435 -8.33 40.06 -1.07
C PHE A 435 -8.70 41.06 -2.16
N TRP A 436 -9.65 40.74 -3.05
CA TRP A 436 -10.09 41.72 -4.03
C TRP A 436 -11.54 42.15 -3.87
N PHE A 437 -12.43 41.23 -3.51
CA PHE A 437 -13.85 41.59 -3.37
C PHE A 437 -14.20 42.00 -1.94
N TYR A 438 -13.78 41.20 -0.95
CA TYR A 438 -14.04 41.56 0.43
C TYR A 438 -13.21 42.76 0.86
N GLY A 439 -12.06 42.97 0.24
CA GLY A 439 -11.22 44.11 0.57
C GLY A 439 -10.09 43.79 1.52
N ILE A 440 -8.86 44.12 1.13
CA ILE A 440 -7.72 43.88 2.01
C ILE A 440 -7.80 44.75 3.26
N THR A 441 -8.20 46.02 3.09
CA THR A 441 -8.34 46.91 4.25
C THR A 441 -9.41 46.41 5.20
N GLN A 442 -10.53 45.92 4.66
CA GLN A 442 -11.59 45.38 5.51
C GLN A 442 -11.10 44.17 6.31
N PHE A 443 -10.36 43.27 5.66
CA PHE A 443 -9.83 42.10 6.35
C PHE A 443 -8.82 42.50 7.42
N CYS A 444 -7.98 43.51 7.12
CA CYS A 444 -7.04 43.99 8.11
C CYS A 444 -7.74 44.59 9.31
N SER A 445 -8.80 45.38 9.07
CA SER A 445 -9.57 45.93 10.18
C SER A 445 -10.24 44.83 10.99
N ASP A 446 -10.76 43.81 10.32
CA ASP A 446 -11.42 42.71 11.02
C ASP A 446 -10.43 41.96 11.91
N VAL A 447 -9.24 41.66 11.38
CA VAL A 447 -8.26 40.93 12.18
C VAL A 447 -7.71 41.81 13.30
N LYS A 448 -7.61 43.13 13.08
CA LYS A 448 -7.21 44.04 14.14
C LYS A 448 -8.24 44.05 15.27
N GLU A 449 -9.53 44.08 14.91
CA GLU A 449 -10.57 43.98 15.93
C GLU A 449 -10.51 42.64 16.65
N MET A 450 -10.19 41.57 15.91
CA MET A 450 -10.07 40.25 16.52
C MET A 450 -8.97 40.22 17.58
N LEU A 451 -7.78 40.73 17.22
CA LEU A 451 -6.63 40.65 18.12
C LEU A 451 -6.48 41.91 18.96
N GLY A 452 -6.32 43.06 18.32
CA GLY A 452 -6.11 44.30 19.02
C GLY A 452 -5.09 45.19 18.34
N PHE A 453 -4.28 44.61 17.46
CA PHE A 453 -3.25 45.33 16.73
C PHE A 453 -3.42 45.07 15.24
N SER A 454 -3.24 46.11 14.43
CA SER A 454 -3.36 45.96 12.99
C SER A 454 -2.20 45.12 12.46
N PRO A 455 -2.43 44.30 11.44
CA PRO A 455 -1.34 43.50 10.87
C PRO A 455 -0.30 44.39 10.20
N GLY A 456 0.95 43.91 10.19
CA GLY A 456 2.03 44.65 9.60
C GLY A 456 1.88 44.75 8.08
N TRP A 457 2.58 45.74 7.51
CA TRP A 457 2.53 45.97 6.08
C TRP A 457 3.09 44.79 5.28
N PHE A 458 3.92 43.96 5.90
CA PHE A 458 4.48 42.81 5.19
C PHE A 458 3.40 41.88 4.68
N TRP A 459 2.48 41.47 5.57
CA TRP A 459 1.39 40.60 5.15
C TRP A 459 0.46 41.32 4.18
N ARG A 460 0.21 42.61 4.41
CA ARG A 460 -0.70 43.36 3.55
C ARG A 460 -0.19 43.41 2.11
N ILE A 461 1.12 43.62 1.93
CA ILE A 461 1.64 43.63 0.57
C ILE A 461 1.82 42.21 0.03
N CYS A 462 2.11 41.23 0.91
CA CYS A 462 2.30 39.86 0.46
C CYS A 462 1.02 39.29 -0.13
N TRP A 463 -0.08 39.41 0.60
CA TRP A 463 -1.35 38.79 0.20
C TRP A 463 -1.83 39.31 -1.15
N VAL A 464 -1.46 40.53 -1.51
CA VAL A 464 -1.91 41.13 -2.76
C VAL A 464 -0.87 41.02 -3.87
N ALA A 465 0.41 40.82 -3.53
CA ALA A 465 1.46 40.80 -4.55
C ALA A 465 1.94 39.39 -4.89
N ILE A 466 2.35 38.61 -3.89
CA ILE A 466 3.13 37.41 -4.15
C ILE A 466 2.33 36.11 -3.99
N SER A 467 1.39 36.05 -3.05
CA SER A 467 0.62 34.82 -2.89
C SER A 467 -0.21 34.47 -4.11
N PRO A 468 -1.05 35.37 -4.67
CA PRO A 468 -1.74 35.01 -5.91
C PRO A 468 -0.80 34.79 -7.08
N LEU A 469 0.30 35.55 -7.15
CA LEU A 469 1.26 35.37 -8.23
C LEU A 469 1.91 33.99 -8.14
N PHE A 470 2.33 33.59 -6.94
CA PHE A 470 2.91 32.26 -6.77
C PHE A 470 1.89 31.17 -7.08
N LEU A 471 0.64 31.36 -6.65
CA LEU A 471 -0.39 30.35 -6.90
C LEU A 471 -0.65 30.19 -8.41
N VAL A 472 -0.76 31.31 -9.13
CA VAL A 472 -1.01 31.23 -10.56
C VAL A 472 0.21 30.69 -11.30
N PHE A 473 1.42 30.99 -10.81
CA PHE A 473 2.62 30.40 -11.41
C PHE A 473 2.64 28.89 -11.22
N ILE A 474 2.25 28.42 -10.03
CA ILE A 474 2.18 26.98 -9.78
C ILE A 474 1.16 26.34 -10.71
N ILE A 475 -0.01 26.98 -10.86
CA ILE A 475 -1.05 26.43 -11.73
C ILE A 475 -0.57 26.36 -13.17
N CYS A 476 0.07 27.43 -13.65
CA CYS A 476 0.56 27.44 -15.03
C CYS A 476 1.65 26.39 -15.24
N SER A 477 2.56 26.24 -14.28
CA SER A 477 3.61 25.24 -14.42
C SER A 477 3.05 23.82 -14.41
N PHE A 478 2.06 23.56 -13.55
CA PHE A 478 1.48 22.22 -13.48
C PHE A 478 0.64 21.90 -14.70
N LEU A 479 -0.06 22.89 -15.25
CA LEU A 479 -0.91 22.65 -16.42
C LEU A 479 -0.10 22.53 -17.71
N MET A 480 1.15 23.00 -17.73
CA MET A 480 2.00 22.93 -18.91
C MET A 480 2.87 21.68 -18.95
N SER A 481 2.80 20.84 -17.93
CA SER A 481 3.61 19.62 -17.86
C SER A 481 2.70 18.43 -17.60
N PRO A 482 2.22 17.78 -18.65
CA PRO A 482 1.37 16.59 -18.49
C PRO A 482 2.11 15.50 -17.73
N PRO A 483 1.42 14.78 -16.85
CA PRO A 483 2.09 13.75 -16.05
C PRO A 483 2.28 12.46 -16.83
N GLN A 484 3.26 11.67 -16.39
CA GLN A 484 3.57 10.36 -16.95
C GLN A 484 3.58 9.37 -15.79
N LEU A 485 2.41 8.81 -15.49
CA LEU A 485 2.29 7.87 -14.38
C LEU A 485 3.01 6.57 -14.72
N TRP A 486 3.60 5.94 -13.70
CA TRP A 486 4.34 4.69 -13.88
C TRP A 486 4.29 3.90 -12.58
N LEU A 487 3.40 2.92 -12.52
CA LEU A 487 3.34 1.99 -11.40
C LEU A 487 4.23 0.78 -11.73
N PHE A 488 4.11 -0.30 -10.95
CA PHE A 488 4.99 -1.45 -11.12
C PHE A 488 4.82 -2.10 -12.49
N GLN A 489 5.79 -1.89 -13.37
CA GLN A 489 5.83 -2.52 -14.70
C GLN A 489 4.53 -2.26 -15.48
N TYR A 490 4.03 -1.03 -15.41
CA TYR A 490 2.77 -0.69 -16.07
C TYR A 490 2.82 0.77 -16.47
N ASN A 491 2.42 1.06 -17.70
CA ASN A 491 2.34 2.43 -18.21
C ASN A 491 0.87 2.82 -18.38
N TYR A 492 0.49 3.95 -17.80
CA TYR A 492 -0.89 4.40 -17.85
C TYR A 492 -1.27 4.74 -19.30
N PRO A 493 -2.42 4.30 -19.77
CA PRO A 493 -2.82 4.59 -21.16
C PRO A 493 -3.23 6.04 -21.33
N GLN A 494 -3.53 6.39 -22.58
CA GLN A 494 -3.94 7.75 -22.90
C GLN A 494 -5.26 8.11 -22.24
N TRP A 495 -6.21 7.17 -22.22
CA TRP A 495 -7.52 7.44 -21.64
C TRP A 495 -7.46 7.64 -20.14
N SER A 496 -6.45 7.08 -19.46
CA SER A 496 -6.31 7.30 -18.03
C SER A 496 -6.02 8.77 -17.73
N ILE A 497 -5.20 9.41 -18.57
CA ILE A 497 -4.92 10.83 -18.39
C ILE A 497 -6.19 11.64 -18.57
N ILE A 498 -7.01 11.28 -19.56
CA ILE A 498 -8.27 12.00 -19.78
C ILE A 498 -9.21 11.82 -18.60
N LEU A 499 -9.29 10.60 -18.06
CA LEU A 499 -10.13 10.36 -16.90
C LEU A 499 -9.66 11.16 -15.69
N GLY A 500 -8.34 11.20 -15.47
CA GLY A 500 -7.82 12.00 -14.37
C GLY A 500 -8.11 13.48 -14.55
N TYR A 501 -7.95 13.98 -15.78
CA TYR A 501 -8.26 15.38 -16.05
C TYR A 501 -9.72 15.69 -15.81
N CYS A 502 -10.61 14.79 -16.23
CA CYS A 502 -12.05 15.05 -16.05
C CYS A 502 -12.44 15.00 -14.58
N ILE A 503 -11.90 14.04 -13.82
CA ILE A 503 -12.24 13.98 -12.40
C ILE A 503 -11.64 15.16 -11.65
N GLY A 504 -10.48 15.65 -12.06
CA GLY A 504 -9.94 16.86 -11.46
C GLY A 504 -10.76 18.10 -11.80
N THR A 505 -11.23 18.18 -13.04
CA THR A 505 -12.04 19.33 -13.45
C THR A 505 -13.40 19.33 -12.77
N SER A 506 -13.96 18.14 -12.51
CA SER A 506 -15.29 18.06 -11.89
C SER A 506 -15.34 18.73 -10.52
N SER A 507 -14.19 18.91 -9.86
CA SER A 507 -14.17 19.65 -8.60
C SER A 507 -14.11 21.14 -8.82
N PHE A 508 -13.19 21.60 -9.69
CA PHE A 508 -13.05 23.02 -9.94
C PHE A 508 -14.26 23.59 -10.68
N ILE A 509 -14.99 22.76 -11.41
CA ILE A 509 -16.14 23.22 -12.18
C ILE A 509 -17.28 23.71 -11.30
N CYS A 510 -17.22 23.48 -9.99
CA CYS A 510 -18.29 23.94 -9.11
C CYS A 510 -18.38 25.46 -9.09
N ILE A 511 -17.23 26.15 -9.08
CA ILE A 511 -17.24 27.61 -9.01
C ILE A 511 -17.88 28.24 -10.24
N PRO A 512 -17.52 27.88 -11.49
CA PRO A 512 -18.22 28.47 -12.63
C PRO A 512 -19.71 28.13 -12.67
N THR A 513 -20.08 26.92 -12.26
CA THR A 513 -21.49 26.56 -12.25
C THR A 513 -22.27 27.42 -11.25
N TYR A 514 -21.71 27.64 -10.07
CA TYR A 514 -22.36 28.51 -9.10
C TYR A 514 -22.38 29.96 -9.58
N ILE A 515 -21.34 30.39 -10.28
CA ILE A 515 -21.33 31.74 -10.84
C ILE A 515 -22.48 31.90 -11.83
N THR A 516 -22.65 30.94 -12.72
CA THR A 516 -23.74 31.01 -13.69
C THR A 516 -25.10 30.93 -13.00
N TYR A 517 -25.23 30.08 -11.98
CA TYR A 517 -26.49 29.96 -11.26
C TYR A 517 -26.85 31.26 -10.57
N ARG A 518 -25.88 31.92 -9.94
CA ARG A 518 -26.15 33.20 -9.28
C ARG A 518 -26.45 34.28 -10.30
N LEU A 519 -25.78 34.24 -11.46
CA LEU A 519 -26.06 35.22 -12.50
C LEU A 519 -27.48 35.07 -13.03
N ILE A 520 -27.94 33.83 -13.23
CA ILE A 520 -29.28 33.61 -13.76
C ILE A 520 -30.36 33.63 -12.69
N ILE A 521 -30.00 33.65 -11.42
CA ILE A 521 -30.99 33.66 -10.34
C ILE A 521 -31.17 35.04 -9.70
N THR A 522 -30.24 35.97 -9.92
CA THR A 522 -30.34 37.29 -9.32
C THR A 522 -30.98 38.25 -10.31
N PRO A 523 -32.17 38.77 -10.03
CA PRO A 523 -32.81 39.72 -10.95
C PRO A 523 -32.05 41.04 -11.01
N GLY A 524 -32.17 41.69 -12.16
CA GLY A 524 -31.54 42.97 -12.40
C GLY A 524 -30.99 43.04 -13.81
N THR A 525 -30.26 44.12 -14.10
CA THR A 525 -29.66 44.30 -15.40
C THR A 525 -28.34 43.55 -15.48
N LEU A 526 -27.66 43.68 -16.62
CA LEU A 526 -26.39 42.99 -16.81
C LEU A 526 -25.30 43.55 -15.91
N LYS A 527 -25.32 44.86 -15.64
CA LYS A 527 -24.31 45.49 -14.81
C LYS A 527 -24.57 45.28 -13.31
N GLU A 528 -25.83 45.31 -12.89
CA GLU A 528 -26.16 45.09 -11.49
C GLU A 528 -26.19 43.61 -11.10
N ARG A 529 -26.11 42.71 -12.09
CA ARG A 529 -26.13 41.28 -11.78
C ARG A 529 -24.91 40.88 -10.94
N ILE A 530 -23.73 41.37 -11.33
CA ILE A 530 -22.51 41.06 -10.58
C ILE A 530 -22.49 41.80 -9.25
N VAL A 531 -23.07 43.00 -9.21
CA VAL A 531 -23.00 43.83 -8.01
C VAL A 531 -23.67 43.14 -6.82
N LYS A 532 -24.80 42.49 -7.06
CA LYS A 532 -25.53 41.83 -5.98
C LYS A 532 -24.67 40.73 -5.35
N GLY A 533 -23.98 39.95 -6.16
CA GLY A 533 -23.17 38.85 -5.65
C GLY A 533 -21.84 39.26 -5.05
N ILE A 534 -21.44 40.51 -5.19
CA ILE A 534 -20.17 40.97 -4.63
C ILE A 534 -20.34 41.49 -3.22
N THR A 535 -21.30 42.39 -3.00
CA THR A 535 -21.53 42.94 -1.67
C THR A 535 -22.05 41.85 -0.73
N PRO A 536 -21.52 41.74 0.48
CA PRO A 536 -22.02 40.72 1.41
C PRO A 536 -23.46 40.97 1.80
N GLU A 537 -24.17 39.88 2.07
CA GLU A 537 -25.55 39.97 2.50
C GLU A 537 -25.65 40.59 3.89
N THR A 538 -26.66 41.43 4.08
CA THR A 538 -26.84 42.08 5.37
C THR A 538 -27.27 41.05 6.42
N PRO A 539 -26.68 41.05 7.62
CA PRO A 539 -27.02 40.12 8.69
C PRO A 539 -28.46 40.27 9.17
N GLN B 1 19.60 -26.72 -17.34
CA GLN B 1 19.15 -28.06 -16.98
C GLN B 1 19.24 -28.29 -15.47
N VAL B 2 18.26 -29.02 -14.93
CA VAL B 2 18.21 -29.34 -13.51
C VAL B 2 18.30 -30.85 -13.36
N GLN B 3 19.27 -31.31 -12.58
CA GLN B 3 19.49 -32.73 -12.34
C GLN B 3 19.54 -32.98 -10.84
N LEU B 4 18.79 -33.98 -10.38
CA LEU B 4 18.77 -34.37 -8.98
C LEU B 4 19.32 -35.78 -8.85
N GLN B 5 20.29 -35.96 -7.94
CA GLN B 5 20.93 -37.24 -7.73
C GLN B 5 20.59 -37.77 -6.34
N GLN B 6 20.36 -39.08 -6.26
CA GLN B 6 20.02 -39.73 -5.00
C GLN B 6 20.93 -40.94 -4.78
N SER B 7 21.10 -41.30 -3.52
CA SER B 7 21.95 -42.43 -3.16
C SER B 7 21.24 -43.75 -3.48
N GLY B 8 22.01 -44.83 -3.41
CA GLY B 8 21.48 -46.15 -3.68
C GLY B 8 20.70 -46.71 -2.51
N PRO B 9 20.10 -47.87 -2.73
CA PRO B 9 19.30 -48.49 -1.66
C PRO B 9 20.16 -48.97 -0.51
N GLU B 10 19.56 -48.97 0.68
CA GLU B 10 20.21 -49.43 1.90
C GLU B 10 19.35 -50.47 2.59
N LEU B 11 19.92 -51.11 3.61
CA LEU B 11 19.24 -52.09 4.43
C LEU B 11 19.18 -51.58 5.86
N VAL B 12 17.98 -51.58 6.44
CA VAL B 12 17.76 -51.08 7.79
C VAL B 12 17.22 -52.21 8.65
N LYS B 13 17.84 -52.43 9.80
CA LYS B 13 17.41 -53.46 10.73
C LYS B 13 16.26 -52.94 11.60
N LEU B 14 15.89 -53.69 12.62
CA LEU B 14 14.80 -53.30 13.51
C LEU B 14 15.26 -52.20 14.44
N GLY B 15 14.62 -51.04 14.37
CA GLY B 15 14.96 -49.93 15.24
C GLY B 15 16.18 -49.14 14.83
N ALA B 16 16.75 -49.41 13.65
CA ALA B 16 17.93 -48.71 13.19
C ALA B 16 17.53 -47.39 12.54
N SER B 17 18.50 -46.68 11.95
CA SER B 17 18.27 -45.41 11.30
C SER B 17 18.98 -45.39 9.95
N VAL B 18 18.46 -44.57 9.04
CA VAL B 18 19.02 -44.43 7.70
C VAL B 18 19.18 -42.95 7.39
N ARG B 19 20.11 -42.67 6.49
CA ARG B 19 20.41 -41.30 6.06
C ARG B 19 20.35 -41.25 4.54
N ILE B 20 19.47 -40.39 4.01
CA ILE B 20 19.27 -40.25 2.58
C ILE B 20 19.60 -38.82 2.19
N SER B 21 20.46 -38.67 1.18
CA SER B 21 20.86 -37.36 0.68
C SER B 21 20.28 -37.14 -0.71
N CYS B 22 20.39 -35.89 -1.18
CA CYS B 22 19.87 -35.52 -2.49
C CYS B 22 20.69 -34.35 -3.01
N LYS B 23 21.53 -34.60 -4.01
CA LYS B 23 22.36 -33.56 -4.60
C LYS B 23 21.56 -32.78 -5.64
N ALA B 24 21.57 -31.45 -5.52
CA ALA B 24 20.86 -30.58 -6.43
C ALA B 24 21.86 -29.64 -7.10
N SER B 25 21.71 -29.47 -8.42
CA SER B 25 22.61 -28.63 -9.19
C SER B 25 21.90 -28.14 -10.44
N GLY B 26 22.49 -27.12 -11.06
CA GLY B 26 21.94 -26.54 -12.27
C GLY B 26 20.89 -25.47 -12.08
N TYR B 27 20.62 -25.07 -10.84
CA TYR B 27 19.61 -24.05 -10.56
C TYR B 27 19.92 -23.44 -9.20
N ARG B 28 19.09 -22.48 -8.80
CA ARG B 28 19.26 -21.80 -7.52
C ARG B 28 18.87 -22.75 -6.40
N PHE B 29 19.88 -23.35 -5.76
CA PHE B 29 19.62 -24.35 -4.73
C PHE B 29 18.94 -23.75 -3.51
N SER B 30 19.33 -22.54 -3.11
CA SER B 30 18.83 -21.94 -1.88
C SER B 30 17.44 -21.33 -2.02
N TYR B 31 16.89 -21.26 -3.23
CA TYR B 31 15.59 -20.66 -3.47
C TYR B 31 14.61 -21.65 -4.10
N SER B 32 14.59 -22.88 -3.59
CA SER B 32 13.67 -23.89 -4.06
C SER B 32 13.47 -24.93 -2.97
N TRP B 33 12.20 -25.18 -2.61
CA TRP B 33 11.90 -26.15 -1.57
C TRP B 33 12.31 -27.55 -2.01
N MET B 34 12.81 -28.32 -1.04
CA MET B 34 13.15 -29.73 -1.24
C MET B 34 12.19 -30.56 -0.41
N ASN B 35 11.42 -31.41 -1.09
CA ASN B 35 10.41 -32.25 -0.45
C ASN B 35 10.63 -33.71 -0.82
N TRP B 36 10.23 -34.60 0.08
CA TRP B 36 10.38 -36.03 -0.10
C TRP B 36 9.03 -36.71 0.02
N VAL B 37 8.82 -37.77 -0.76
CA VAL B 37 7.59 -38.53 -0.75
C VAL B 37 7.93 -40.00 -0.50
N LYS B 38 6.93 -40.74 -0.04
CA LYS B 38 7.07 -42.16 0.25
C LYS B 38 6.11 -42.94 -0.64
N GLN B 39 6.64 -43.93 -1.35
CA GLN B 39 5.87 -44.76 -2.26
C GLN B 39 5.94 -46.21 -1.80
N ARG B 40 4.84 -46.72 -1.24
CA ARG B 40 4.79 -48.10 -0.82
C ARG B 40 4.75 -49.02 -2.04
N PRO B 41 5.30 -50.23 -1.92
CA PRO B 41 5.28 -51.16 -3.06
C PRO B 41 3.86 -51.57 -3.43
N GLY B 42 3.42 -51.18 -4.63
CA GLY B 42 2.08 -51.47 -5.09
C GLY B 42 1.01 -50.52 -4.61
N LYS B 43 1.37 -49.49 -3.84
CA LYS B 43 0.44 -48.51 -3.32
C LYS B 43 0.77 -47.13 -3.87
N GLY B 44 -0.02 -46.14 -3.46
CA GLY B 44 0.16 -44.78 -3.94
C GLY B 44 1.24 -44.04 -3.20
N LEU B 45 1.46 -42.80 -3.63
CA LEU B 45 2.47 -41.95 -3.01
C LEU B 45 1.99 -41.43 -1.66
N GLU B 46 2.95 -40.94 -0.87
CA GLU B 46 2.65 -40.39 0.45
C GLU B 46 3.67 -39.31 0.77
N TRP B 47 3.19 -38.08 0.94
CA TRP B 47 4.07 -36.97 1.27
C TRP B 47 4.65 -37.15 2.67
N ILE B 48 5.93 -36.82 2.82
CA ILE B 48 6.61 -36.98 4.09
C ILE B 48 7.09 -35.66 4.69
N GLY B 49 7.25 -34.61 3.91
CA GLY B 49 7.67 -33.33 4.43
C GLY B 49 8.41 -32.52 3.39
N ARG B 50 8.89 -31.36 3.82
CA ARG B 50 9.63 -30.45 2.96
C ARG B 50 10.58 -29.61 3.81
N ILE B 51 11.56 -29.00 3.15
CA ILE B 51 12.55 -28.17 3.82
C ILE B 51 13.04 -27.12 2.84
N TYR B 52 13.21 -25.88 3.34
CA TYR B 52 13.74 -24.80 2.53
C TYR B 52 15.22 -24.65 2.79
N PRO B 53 16.08 -24.89 1.80
CA PRO B 53 17.53 -24.74 2.04
C PRO B 53 17.94 -23.33 2.43
N GLY B 54 17.25 -22.31 1.92
CA GLY B 54 17.62 -20.94 2.24
C GLY B 54 17.22 -20.47 3.62
N ASP B 55 16.27 -21.17 4.26
CA ASP B 55 15.81 -20.79 5.59
C ASP B 55 15.88 -21.90 6.62
N GLY B 56 15.98 -23.16 6.20
CA GLY B 56 16.02 -24.25 7.16
C GLY B 56 14.70 -24.55 7.84
N ASP B 57 13.59 -24.14 7.25
CA ASP B 57 12.27 -24.39 7.80
C ASP B 57 11.74 -25.73 7.30
N THR B 58 11.39 -26.61 8.22
CA THR B 58 10.90 -27.94 7.90
C THR B 58 9.44 -28.07 8.31
N LYS B 59 8.64 -28.66 7.43
CA LYS B 59 7.22 -28.88 7.67
C LYS B 59 6.91 -30.36 7.60
N TYR B 60 6.06 -30.84 8.51
CA TYR B 60 5.67 -32.24 8.58
C TYR B 60 4.15 -32.34 8.50
N SER B 61 3.68 -33.34 7.74
CA SER B 61 2.24 -33.50 7.51
C SER B 61 1.61 -34.46 8.53
N GLY B 62 2.10 -35.68 8.59
CA GLY B 62 1.53 -36.71 9.45
C GLY B 62 2.23 -36.79 10.79
N LYS B 63 2.32 -38.01 11.32
CA LYS B 63 2.94 -38.27 12.62
C LYS B 63 4.45 -38.39 12.52
N PHE B 64 5.07 -37.90 11.45
CA PHE B 64 6.51 -37.97 11.26
C PHE B 64 7.24 -36.77 11.86
N LYS B 65 6.61 -36.06 12.79
CA LYS B 65 7.27 -34.93 13.44
C LYS B 65 8.49 -35.39 14.23
N GLY B 66 8.35 -36.48 14.96
CA GLY B 66 9.45 -37.07 15.70
C GLY B 66 10.09 -38.27 15.05
N LYS B 67 9.57 -38.72 13.91
CA LYS B 67 10.11 -39.87 13.21
C LYS B 67 11.03 -39.51 12.05
N ALA B 68 10.77 -38.39 11.38
CA ALA B 68 11.56 -37.95 10.24
C ALA B 68 12.08 -36.54 10.49
N THR B 69 13.38 -36.35 10.27
CA THR B 69 14.01 -35.05 10.42
C THR B 69 14.64 -34.64 9.09
N LEU B 70 14.48 -33.37 8.74
CA LEU B 70 14.99 -32.83 7.47
C LEU B 70 16.08 -31.81 7.77
N THR B 71 17.26 -32.04 7.18
CA THR B 71 18.39 -31.13 7.32
C THR B 71 18.90 -30.76 5.94
N ALA B 72 19.44 -29.54 5.83
CA ALA B 72 19.96 -29.03 4.57
C ALA B 72 21.37 -28.50 4.77
N ASP B 73 22.20 -28.68 3.75
CA ASP B 73 23.59 -28.22 3.77
C ASP B 73 23.84 -27.42 2.49
N LYS B 74 23.90 -26.09 2.62
CA LYS B 74 24.12 -25.23 1.47
C LYS B 74 25.57 -25.25 0.98
N SER B 75 26.50 -25.72 1.80
CA SER B 75 27.90 -25.76 1.39
C SER B 75 28.10 -26.71 0.21
N SER B 76 27.48 -27.88 0.26
CA SER B 76 27.58 -28.86 -0.80
C SER B 76 26.35 -28.89 -1.71
N SER B 77 25.42 -27.97 -1.51
CA SER B 77 24.22 -27.86 -2.34
C SER B 77 23.43 -29.17 -2.38
N THR B 78 23.29 -29.81 -1.22
CA THR B 78 22.55 -31.05 -1.11
C THR B 78 21.65 -30.99 0.12
N VAL B 79 20.57 -31.77 0.09
CA VAL B 79 19.59 -31.82 1.16
C VAL B 79 19.58 -33.23 1.73
N TYR B 80 19.66 -33.34 3.05
CA TYR B 80 19.68 -34.62 3.74
C TYR B 80 18.30 -34.93 4.32
N MET B 81 18.12 -36.19 4.73
CA MET B 81 16.88 -36.63 5.34
C MET B 81 17.17 -37.82 6.23
N GLN B 82 16.73 -37.74 7.49
CA GLN B 82 16.99 -38.77 8.48
C GLN B 82 15.69 -39.30 9.05
N LEU B 83 15.61 -40.62 9.19
CA LEU B 83 14.45 -41.29 9.78
C LEU B 83 14.90 -42.13 10.97
N SER B 84 14.11 -42.12 12.03
CA SER B 84 14.41 -42.84 13.25
C SER B 84 13.33 -43.87 13.54
N SER B 85 13.74 -44.97 14.19
CA SER B 85 12.84 -46.06 14.56
C SER B 85 12.14 -46.65 13.33
N LEU B 86 12.95 -47.23 12.45
CA LEU B 86 12.47 -47.77 11.20
C LEU B 86 12.12 -49.25 11.37
N THR B 87 10.90 -49.61 10.96
CA THR B 87 10.42 -50.99 11.01
C THR B 87 10.13 -51.49 9.60
N SER B 88 9.60 -52.72 9.52
CA SER B 88 9.27 -53.32 8.24
C SER B 88 7.99 -52.74 7.63
N GLU B 89 7.19 -52.01 8.41
CA GLU B 89 5.98 -51.39 7.87
C GLU B 89 6.32 -50.38 6.79
N ASP B 90 7.37 -49.59 6.99
CA ASP B 90 7.75 -48.54 6.07
C ASP B 90 8.75 -49.01 5.00
N SER B 91 8.82 -50.32 4.75
CA SER B 91 9.77 -50.87 3.78
C SER B 91 9.32 -50.47 2.39
N ALA B 92 9.58 -49.21 2.04
CA ALA B 92 9.16 -48.64 0.76
C ALA B 92 10.30 -47.90 0.09
N VAL B 93 10.01 -47.18 -0.99
CA VAL B 93 10.99 -46.39 -1.72
C VAL B 93 10.69 -44.92 -1.52
N TYR B 94 11.68 -44.17 -1.05
CA TYR B 94 11.53 -42.75 -0.77
C TYR B 94 12.16 -41.94 -1.89
N PHE B 95 11.41 -40.98 -2.43
CA PHE B 95 11.86 -40.16 -3.53
C PHE B 95 12.22 -38.75 -3.03
N CYS B 96 13.00 -38.05 -3.85
CA CYS B 96 13.39 -36.67 -3.58
C CYS B 96 12.99 -35.80 -4.75
N ALA B 97 12.42 -34.62 -4.45
CA ALA B 97 11.95 -33.72 -5.48
C ALA B 97 12.18 -32.29 -5.05
N ARG B 98 12.21 -31.39 -6.03
CA ARG B 98 12.40 -29.97 -5.82
C ARG B 98 11.13 -29.22 -6.23
N SER B 99 10.59 -28.43 -5.30
CA SER B 99 9.39 -27.66 -5.59
C SER B 99 9.72 -26.49 -6.51
N ALA B 100 8.77 -26.17 -7.39
CA ALA B 100 8.94 -25.09 -8.36
C ALA B 100 8.54 -23.76 -7.72
N TYR B 101 8.40 -22.73 -8.55
CA TYR B 101 8.10 -21.40 -8.06
C TYR B 101 6.65 -21.31 -7.58
N GLY B 102 6.36 -20.22 -6.86
CA GLY B 102 5.03 -20.04 -6.30
C GLY B 102 3.96 -19.84 -7.36
N SER B 103 4.30 -19.14 -8.44
CA SER B 103 3.32 -18.87 -9.49
C SER B 103 2.90 -20.15 -10.22
N GLU B 104 3.68 -21.22 -10.10
CA GLU B 104 3.36 -22.51 -10.70
C GLU B 104 2.72 -23.46 -9.69
N GLY B 105 2.28 -22.95 -8.55
CA GLY B 105 1.63 -23.77 -7.53
C GLY B 105 2.55 -24.77 -6.86
N PHE B 106 3.81 -24.40 -6.63
CA PHE B 106 4.80 -25.27 -5.98
C PHE B 106 4.89 -26.62 -6.71
N ALA B 107 5.07 -26.54 -8.03
CA ALA B 107 5.07 -27.74 -8.86
C ALA B 107 6.23 -28.66 -8.48
N MET B 108 5.94 -29.95 -8.41
CA MET B 108 6.94 -30.96 -8.08
C MET B 108 7.50 -31.57 -9.37
N ASP B 109 8.02 -30.70 -10.23
CA ASP B 109 8.39 -31.09 -11.58
C ASP B 109 9.61 -32.01 -11.60
N TYR B 110 10.66 -31.62 -10.89
CA TYR B 110 11.92 -32.34 -10.93
C TYR B 110 11.99 -33.37 -9.81
N TRP B 111 12.34 -34.60 -10.16
CA TRP B 111 12.38 -35.72 -9.23
C TRP B 111 13.81 -36.27 -9.15
N GLY B 112 14.01 -37.18 -8.21
CA GLY B 112 15.28 -37.86 -8.06
C GLY B 112 15.28 -39.24 -8.71
N GLN B 113 15.69 -40.25 -7.96
CA GLN B 113 15.69 -41.63 -8.45
C GLN B 113 15.04 -42.62 -7.51
N GLY B 114 14.88 -42.31 -6.23
CA GLY B 114 14.25 -43.21 -5.29
C GLY B 114 15.20 -44.26 -4.73
N THR B 115 15.19 -44.44 -3.41
CA THR B 115 16.03 -45.42 -2.73
C THR B 115 15.15 -46.48 -2.09
N SER B 116 15.45 -47.74 -2.37
CA SER B 116 14.67 -48.86 -1.84
C SER B 116 15.13 -49.13 -0.42
N VAL B 117 14.35 -48.68 0.56
CA VAL B 117 14.67 -48.87 1.97
C VAL B 117 13.89 -50.07 2.49
N THR B 118 14.60 -51.03 3.08
CA THR B 118 13.96 -52.22 3.62
C THR B 118 13.81 -52.12 5.14
N ASP C 1 -4.57 -30.40 7.25
CA ASP C 1 -4.41 -31.55 6.36
C ASP C 1 -5.66 -31.75 5.51
N ILE C 2 -5.61 -31.26 4.28
CA ILE C 2 -6.74 -31.39 3.35
C ILE C 2 -6.77 -32.82 2.82
N VAL C 3 -7.96 -33.43 2.89
CA VAL C 3 -8.14 -34.80 2.43
C VAL C 3 -8.55 -34.78 0.96
N LEU C 4 -7.81 -35.52 0.13
CA LEU C 4 -8.07 -35.58 -1.30
C LEU C 4 -8.50 -36.99 -1.67
N THR C 5 -9.61 -37.10 -2.38
CA THR C 5 -10.14 -38.38 -2.84
C THR C 5 -10.17 -38.39 -4.35
N GLN C 6 -9.65 -39.46 -4.95
CA GLN C 6 -9.58 -39.61 -6.40
C GLN C 6 -10.54 -40.70 -6.84
N SER C 7 -11.41 -40.38 -7.80
CA SER C 7 -12.37 -41.32 -8.34
C SER C 7 -12.37 -41.21 -9.86
N PRO C 8 -12.55 -42.34 -10.57
CA PRO C 8 -12.70 -43.71 -10.07
C PRO C 8 -11.36 -44.33 -9.68
N ALA C 9 -11.37 -45.37 -8.84
CA ALA C 9 -10.14 -46.01 -8.42
C ALA C 9 -9.45 -46.73 -9.57
N SER C 10 -10.21 -47.25 -10.53
CA SER C 10 -9.63 -47.93 -11.68
C SER C 10 -10.39 -47.51 -12.93
N LEU C 11 -9.66 -47.19 -13.99
CA LEU C 11 -10.24 -46.75 -15.25
C LEU C 11 -9.83 -47.73 -16.36
N ALA C 12 -10.81 -48.16 -17.15
CA ALA C 12 -10.57 -49.06 -18.29
C ALA C 12 -10.92 -48.30 -19.56
N VAL C 13 -9.92 -47.62 -20.13
CA VAL C 13 -10.10 -46.81 -21.32
C VAL C 13 -9.15 -47.32 -22.40
N SER C 14 -9.67 -47.53 -23.60
CA SER C 14 -8.89 -48.02 -24.72
C SER C 14 -8.47 -46.86 -25.62
N LEU C 15 -7.84 -47.19 -26.73
CA LEU C 15 -7.37 -46.19 -27.67
C LEU C 15 -8.55 -45.50 -28.35
N GLY C 16 -8.45 -44.18 -28.50
CA GLY C 16 -9.49 -43.41 -29.14
C GLY C 16 -10.63 -42.97 -28.24
N GLN C 17 -10.54 -43.23 -26.95
CA GLN C 17 -11.58 -42.85 -25.99
C GLN C 17 -11.00 -41.85 -25.01
N ARG C 18 -11.74 -40.77 -24.76
CA ARG C 18 -11.31 -39.76 -23.80
C ARG C 18 -11.28 -40.34 -22.40
N ALA C 19 -10.19 -40.09 -21.68
CA ALA C 19 -10.01 -40.56 -20.31
C ALA C 19 -10.01 -39.36 -19.38
N THR C 20 -11.11 -39.17 -18.66
CA THR C 20 -11.27 -38.04 -17.75
C THR C 20 -11.09 -38.52 -16.32
N ILE C 21 -10.17 -37.88 -15.59
CA ILE C 21 -9.90 -38.19 -14.19
C ILE C 21 -10.14 -36.94 -13.37
N SER C 22 -10.95 -37.06 -12.33
CA SER C 22 -11.31 -35.93 -11.48
C SER C 22 -11.17 -36.32 -10.01
N CYS C 23 -10.56 -35.45 -9.23
CA CYS C 23 -10.44 -35.63 -7.79
C CYS C 23 -10.95 -34.38 -7.08
N ARG C 24 -11.72 -34.58 -6.01
CA ARG C 24 -12.35 -33.50 -5.28
C ARG C 24 -11.74 -33.39 -3.89
N ALA C 25 -11.31 -32.19 -3.52
CA ALA C 25 -10.74 -31.93 -2.21
C ALA C 25 -11.84 -31.52 -1.24
N SER C 26 -11.46 -31.07 -0.05
CA SER C 26 -12.41 -30.65 0.97
C SER C 26 -12.47 -29.14 1.17
N GLU C 27 -11.40 -28.42 0.87
CA GLU C 27 -11.36 -26.97 1.00
C GLU C 27 -10.80 -26.37 -0.29
N SER C 28 -11.17 -25.12 -0.54
CA SER C 28 -10.69 -24.41 -1.71
C SER C 28 -9.18 -24.17 -1.61
N VAL C 29 -8.48 -24.35 -2.72
CA VAL C 29 -7.04 -24.18 -2.77
C VAL C 29 -6.65 -22.95 -3.59
N ASP C 30 -7.57 -22.02 -3.77
CA ASP C 30 -7.31 -20.79 -4.52
C ASP C 30 -7.25 -19.62 -3.53
N ASN C 31 -6.12 -18.94 -3.50
CA ASN C 31 -5.93 -17.79 -2.61
C ASN C 31 -5.46 -16.55 -3.33
N TYR C 32 -4.62 -16.70 -4.36
CA TYR C 32 -4.08 -15.56 -5.11
C TYR C 32 -4.26 -15.79 -6.60
N GLY C 33 -5.38 -16.41 -6.98
CA GLY C 33 -5.68 -16.66 -8.37
C GLY C 33 -5.02 -17.89 -8.96
N ILE C 34 -4.27 -18.65 -8.17
CA ILE C 34 -3.59 -19.86 -8.64
C ILE C 34 -4.11 -21.04 -7.83
N SER C 35 -4.52 -22.09 -8.53
CA SER C 35 -5.01 -23.30 -7.87
C SER C 35 -3.83 -24.17 -7.47
N PHE C 36 -3.66 -24.37 -6.17
CA PHE C 36 -2.53 -25.14 -5.64
C PHE C 36 -2.85 -26.64 -5.73
N LEU C 37 -2.85 -27.13 -6.96
CA LEU C 37 -3.09 -28.55 -7.23
C LEU C 37 -2.34 -28.95 -8.49
N ASN C 38 -1.65 -30.08 -8.44
CA ASN C 38 -0.88 -30.59 -9.57
C ASN C 38 -1.20 -32.05 -9.80
N TRP C 39 -1.04 -32.48 -11.04
CA TRP C 39 -1.33 -33.86 -11.44
C TRP C 39 -0.03 -34.56 -11.81
N PHE C 40 0.15 -35.78 -11.32
CA PHE C 40 1.33 -36.58 -11.56
C PHE C 40 0.99 -37.80 -12.41
N GLN C 41 2.04 -38.50 -12.85
CA GLN C 41 1.87 -39.73 -13.61
C GLN C 41 3.14 -40.56 -13.44
N GLN C 42 2.99 -41.80 -12.97
CA GLN C 42 4.13 -42.68 -12.72
C GLN C 42 3.88 -44.02 -13.38
N LYS C 43 4.93 -44.58 -13.98
CA LYS C 43 4.90 -45.93 -14.50
C LYS C 43 5.42 -46.91 -13.46
N PRO C 44 5.04 -48.18 -13.54
CA PRO C 44 5.56 -49.17 -12.60
C PRO C 44 7.09 -49.22 -12.64
N GLY C 45 7.70 -49.14 -11.46
CA GLY C 45 9.15 -49.10 -11.37
C GLY C 45 9.77 -47.88 -12.01
N GLN C 46 9.08 -46.74 -11.97
CA GLN C 46 9.57 -45.49 -12.54
C GLN C 46 9.20 -44.33 -11.62
N PRO C 47 10.04 -43.28 -11.58
CA PRO C 47 9.69 -42.13 -10.76
C PRO C 47 8.51 -41.38 -11.34
N PRO C 48 7.68 -40.77 -10.50
CA PRO C 48 6.56 -39.98 -11.01
C PRO C 48 7.04 -38.74 -11.76
N LYS C 49 6.23 -38.31 -12.72
CA LYS C 49 6.55 -37.15 -13.55
C LYS C 49 5.39 -36.16 -13.51
N LEU C 50 5.71 -34.89 -13.29
CA LEU C 50 4.70 -33.85 -13.29
C LEU C 50 4.07 -33.70 -14.66
N LEU C 51 2.76 -33.52 -14.69
CA LEU C 51 2.02 -33.32 -15.94
C LEU C 51 1.56 -31.88 -16.11
N ILE C 52 0.84 -31.34 -15.15
CA ILE C 52 0.34 -29.97 -15.23
C ILE C 52 0.51 -29.30 -13.87
N TYR C 53 0.95 -28.05 -13.87
CA TYR C 53 1.07 -27.26 -12.66
C TYR C 53 -0.02 -26.21 -12.63
N ALA C 54 -0.45 -25.86 -11.41
CA ALA C 54 -1.56 -24.93 -11.17
C ALA C 54 -2.87 -25.42 -11.76
N ALA C 55 -2.95 -26.70 -12.13
CA ALA C 55 -4.14 -27.36 -12.64
C ALA C 55 -4.64 -26.78 -13.95
N SER C 56 -3.92 -25.83 -14.54
CA SER C 56 -4.35 -25.19 -15.79
C SER C 56 -3.26 -25.07 -16.84
N ASN C 57 -1.98 -25.14 -16.47
CA ASN C 57 -0.87 -24.94 -17.40
C ASN C 57 -0.11 -26.23 -17.57
N GLN C 58 0.21 -26.57 -18.82
CA GLN C 58 0.96 -27.78 -19.12
C GLN C 58 2.43 -27.62 -18.73
N GLY C 59 3.08 -28.76 -18.50
CA GLY C 59 4.48 -28.77 -18.11
C GLY C 59 5.41 -28.60 -19.30
N SER C 60 6.70 -28.78 -19.02
CA SER C 60 7.73 -28.61 -20.04
C SER C 60 7.79 -29.81 -20.97
N GLY C 61 8.08 -30.99 -20.43
CA GLY C 61 8.20 -32.18 -21.24
C GLY C 61 6.97 -33.06 -21.18
N VAL C 62 5.80 -32.43 -21.19
CA VAL C 62 4.52 -33.13 -21.09
C VAL C 62 3.81 -32.98 -22.43
N PRO C 63 3.29 -34.06 -23.02
CA PRO C 63 2.55 -33.94 -24.28
C PRO C 63 1.29 -33.10 -24.11
N ALA C 64 0.90 -32.44 -25.20
CA ALA C 64 -0.27 -31.56 -25.17
C ALA C 64 -1.56 -32.33 -24.92
N ARG C 65 -1.56 -33.65 -25.09
CA ARG C 65 -2.76 -34.45 -24.88
C ARG C 65 -3.17 -34.54 -23.41
N PHE C 66 -2.28 -34.18 -22.49
CA PHE C 66 -2.58 -34.24 -21.05
C PHE C 66 -3.15 -32.90 -20.56
N SER C 67 -4.23 -32.48 -21.22
CA SER C 67 -4.87 -31.22 -20.87
C SER C 67 -5.62 -31.35 -19.54
N GLY C 68 -5.63 -30.26 -18.79
CA GLY C 68 -6.31 -30.23 -17.52
C GLY C 68 -6.89 -28.87 -17.25
N SER C 69 -7.97 -28.84 -16.47
CA SER C 69 -8.65 -27.59 -16.14
C SER C 69 -9.44 -27.79 -14.85
N GLY C 70 -9.86 -26.68 -14.27
CA GLY C 70 -10.63 -26.70 -13.03
C GLY C 70 -10.13 -25.69 -12.02
N SER C 71 -11.04 -25.23 -11.16
CA SER C 71 -10.70 -24.26 -10.14
C SER C 71 -11.63 -24.45 -8.95
N GLY C 72 -11.18 -23.95 -7.80
CA GLY C 72 -11.97 -24.06 -6.58
C GLY C 72 -11.77 -25.36 -5.84
N THR C 73 -12.72 -26.28 -5.97
CA THR C 73 -12.67 -27.57 -5.30
C THR C 73 -12.61 -28.73 -6.28
N TYR C 74 -13.31 -28.64 -7.41
CA TYR C 74 -13.36 -29.71 -8.39
C TYR C 74 -12.33 -29.46 -9.49
N PHE C 75 -11.52 -30.47 -9.77
CA PHE C 75 -10.51 -30.41 -10.82
C PHE C 75 -10.65 -31.63 -11.72
N SER C 76 -10.36 -31.44 -13.00
CA SER C 76 -10.50 -32.50 -13.99
C SER C 76 -9.24 -32.59 -14.84
N LEU C 77 -8.92 -33.81 -15.26
CA LEU C 77 -7.78 -34.08 -16.14
C LEU C 77 -8.24 -35.03 -17.23
N ASN C 78 -8.21 -34.57 -18.48
CA ASN C 78 -8.67 -35.34 -19.62
C ASN C 78 -7.52 -35.59 -20.58
N ILE C 79 -7.44 -36.83 -21.07
CA ILE C 79 -6.41 -37.24 -22.02
C ILE C 79 -7.11 -37.69 -23.29
N HIS C 80 -6.89 -36.95 -24.38
CA HIS C 80 -7.50 -37.26 -25.66
C HIS C 80 -6.68 -36.67 -26.80
N PRO C 81 -6.10 -37.50 -27.67
CA PRO C 81 -6.12 -38.98 -27.66
C PRO C 81 -5.08 -39.55 -26.71
N MET C 82 -5.06 -40.88 -26.53
CA MET C 82 -4.08 -41.51 -25.66
C MET C 82 -3.59 -42.79 -26.33
N GLU C 83 -2.35 -43.16 -26.01
CA GLU C 83 -1.69 -44.31 -26.60
C GLU C 83 -1.51 -45.41 -25.55
N GLU C 84 -0.81 -46.49 -25.94
CA GLU C 84 -0.57 -47.61 -25.05
C GLU C 84 0.46 -47.29 -23.96
N ASP C 85 1.16 -46.16 -24.07
CA ASP C 85 2.14 -45.76 -23.07
C ASP C 85 1.54 -44.90 -21.96
N ASP C 86 0.21 -44.69 -21.97
CA ASP C 86 -0.47 -43.90 -20.96
C ASP C 86 -1.10 -44.76 -19.87
N THR C 87 -0.82 -46.06 -19.85
CA THR C 87 -1.35 -46.96 -18.83
C THR C 87 -0.56 -46.81 -17.52
N ALA C 88 -0.62 -45.60 -16.97
CA ALA C 88 0.13 -45.23 -15.78
C ALA C 88 -0.82 -44.66 -14.73
N VAL C 89 -0.42 -44.77 -13.47
CA VAL C 89 -1.22 -44.28 -12.37
C VAL C 89 -1.07 -42.76 -12.28
N TYR C 90 -2.20 -42.05 -12.23
CA TYR C 90 -2.22 -40.60 -12.14
C TYR C 90 -2.59 -40.18 -10.73
N PHE C 91 -1.81 -39.25 -10.17
CA PHE C 91 -2.01 -38.76 -8.81
C PHE C 91 -2.21 -37.26 -8.83
N CYS C 92 -3.16 -36.79 -8.02
CA CYS C 92 -3.39 -35.36 -7.82
C CYS C 92 -3.03 -35.01 -6.38
N GLN C 93 -2.29 -33.92 -6.20
CA GLN C 93 -1.79 -33.54 -4.90
C GLN C 93 -1.97 -32.04 -4.70
N GLN C 94 -2.38 -31.66 -3.49
CA GLN C 94 -2.52 -30.26 -3.13
C GLN C 94 -1.20 -29.73 -2.56
N THR C 95 -1.00 -28.42 -2.72
CA THR C 95 0.23 -27.75 -2.30
C THR C 95 -0.08 -26.55 -1.43
N LYS C 96 -0.93 -26.74 -0.43
CA LYS C 96 -1.30 -25.67 0.48
C LYS C 96 -0.10 -25.25 1.32
N GLY C 97 -0.24 -24.10 1.99
CA GLY C 97 0.82 -23.52 2.77
C GLY C 97 1.00 -24.09 4.16
N VAL C 98 0.18 -25.06 4.56
CA VAL C 98 0.26 -25.68 5.88
C VAL C 98 0.73 -27.12 5.81
N SER C 99 0.11 -27.92 4.95
CA SER C 99 0.48 -29.32 4.80
C SER C 99 0.06 -29.82 3.44
N TRP C 100 0.77 -30.82 2.93
CA TRP C 100 0.49 -31.44 1.65
C TRP C 100 0.06 -32.89 1.84
N THR C 101 -0.96 -33.30 1.09
CA THR C 101 -1.47 -34.66 1.15
C THR C 101 -1.63 -35.21 -0.26
N PHE C 102 -1.48 -36.52 -0.40
CA PHE C 102 -1.60 -37.20 -1.67
C PHE C 102 -2.94 -37.92 -1.76
N GLY C 103 -3.37 -38.17 -3.00
CA GLY C 103 -4.63 -38.85 -3.27
C GLY C 103 -4.48 -40.36 -3.21
N GLY C 104 -5.31 -41.05 -3.99
CA GLY C 104 -5.27 -42.49 -4.03
C GLY C 104 -4.73 -43.03 -5.34
N GLY C 105 -4.97 -42.32 -6.42
CA GLY C 105 -4.48 -42.74 -7.73
C GLY C 105 -5.46 -43.64 -8.45
N THR C 106 -5.42 -43.57 -9.79
CA THR C 106 -6.27 -44.37 -10.65
C THR C 106 -5.41 -45.32 -11.47
N LYS C 107 -5.75 -46.61 -11.43
CA LYS C 107 -5.00 -47.63 -12.16
C LYS C 107 -5.58 -47.71 -13.57
N VAL C 108 -4.89 -47.07 -14.52
CA VAL C 108 -5.33 -47.07 -15.91
C VAL C 108 -4.80 -48.33 -16.58
N GLU C 109 -5.71 -49.12 -17.15
CA GLU C 109 -5.39 -50.39 -17.79
C GLU C 109 -5.73 -50.28 -19.27
N ILE C 110 -4.77 -50.65 -20.12
CA ILE C 110 -4.71 -50.27 -21.54
C ILE C 110 -4.81 -48.76 -21.74
#